data_6M77
#
_entry.id   6M77
#
_cell.length_a   82.596
_cell.length_b   83.233
_cell.length_c   147.787
_cell.angle_alpha   90.000
_cell.angle_beta   90.000
_cell.angle_gamma   90.000
#
_symmetry.space_group_name_H-M   'P 21 21 21'
#
loop_
_entity.id
_entity.type
_entity.pdbx_description
1 polymer 'LPXTG-motif cell wall anchor domain protein'
2 non-polymer 2-acetamido-2-deoxy-beta-D-galactopyranose
3 non-polymer 1,2-ETHANEDIOL
4 non-polymer 'CALCIUM ION'
5 water water
#
_entity_poly.entity_id   1
_entity_poly.type   'polypeptide(L)'
_entity_poly.pdbx_seq_one_letter_code
;MGSSHHHHHHSSGLVPRGSHMQEQTAKEDVADSATSVGAIVSIEKAEKNFVITYASGKKAQISILNDHLFRYHLDPTGKF
EEYPTPNDPKHVAKITAKTMADYGTQAFEQTNVTDSGNQFILENNGLKIIFEKESALMKVLDKKKNQVILEETAPLSFKN
DKATQTLKQSSQENYFGGGTQNGRFTHKGTAIQIVNTNNWVDGGVASPNPFYWSTAGYGVVRNTWKPGNYDFGSHDPQTT
TTTHEGTDFDAFYFFNDSSAGILKDYYELTGKPALMPEYGFYEAHLNAYNRDYWVKVAEGTAGAVKFEDGNFYKEYQPGD
LGNLNGTLESLNGEKENYQFSARAVIDRYKKNDMPLGWFLPNDGYGAGYGQTDSLDGDVQNLKEFTDYAQANGVEVGLWT
QSNLHPADPKNPKKGERDIAKEVSVAGVKALKTDVAWVGYGYSFGLNGVEDAANVFVKETDGAVRPMIVSLDGWAGTQRH
AGIWTGDQTGGQWEYIRFHIPTYIGTSLSGQPNVGSDMDGIFGGKNKEVNIRDFQWKTFTPVQLNMDGWGSNPKTPFAFD
QEATDLNRAYLKLKSMMMPYNYSIAKESVDGLPMVRAMALEFPNEGTAYTKDSQYQYMWGPNLLVAPIYNGNQDEAGNSI
RDGIYLPDEKQVWVDLFTGEKYQGGRVLNGVKTPLWKVPVFVKDGSIIPMTNPNNNPKEIQRDQRSFLIYPNGATSFNMY
EDDGISTSYEAGQSATTKINSQGPKSNEKGDLTVTIEPTKGSYKDFVDERSTTLDLLASEAPESVTAMVGGTEVTLKQAA
NKEEFLAGTNLYYFDKEFQVNQYLSEASGEKLNQSALSVKLAKQSVTAKDVQITVKGFINKGTVDGGNTTVDDQLTIPAN
IAINEEKTTPSSLTLQWDQVTEATSYEVERDGTVFGNIQTNTATFDGFSFLSEHTFRVRAVGKNGVSEWSEPIKGKTQDD
PYK
;
_entity_poly.pdbx_strand_id   A
#
loop_
_chem_comp.id
_chem_comp.type
_chem_comp.name
_chem_comp.formula
CA non-polymer 'CALCIUM ION' 'Ca 2'
EDO non-polymer 1,2-ETHANEDIOL 'C2 H6 O2'
NGA D-saccharide, beta linking 2-acetamido-2-deoxy-beta-D-galactopyranose 'C8 H15 N O6'
#
# COMPACT_ATOMS: atom_id res chain seq x y z
N SER A 36 -0.39 -6.47 43.08
CA SER A 36 -0.19 -5.34 42.09
C SER A 36 1.05 -4.49 42.47
N VAL A 37 1.05 -3.22 42.08
CA VAL A 37 2.24 -2.30 42.06
C VAL A 37 2.18 -1.33 43.25
N GLY A 38 1.01 -0.72 43.49
CA GLY A 38 0.74 0.22 44.60
C GLY A 38 0.97 1.68 44.19
N ALA A 39 0.96 2.55 45.19
CA ALA A 39 1.18 4.01 45.06
C ALA A 39 2.63 4.23 44.62
N ILE A 40 2.91 5.37 43.99
CA ILE A 40 4.30 5.82 43.74
C ILE A 40 4.77 6.49 45.04
N VAL A 41 5.89 6.07 45.61
CA VAL A 41 6.48 6.78 46.78
C VAL A 41 7.34 7.94 46.26
N SER A 42 7.98 7.79 45.09
CA SER A 42 9.00 8.74 44.59
C SER A 42 9.33 8.53 43.12
N ILE A 43 9.79 9.62 42.48
CA ILE A 43 10.38 9.65 41.11
C ILE A 43 11.64 10.51 41.20
N GLU A 44 12.80 9.85 41.10
CA GLU A 44 14.15 10.47 41.16
C GLU A 44 14.65 10.70 39.72
N LYS A 45 15.37 11.79 39.46
CA LYS A 45 16.16 11.91 38.22
C LYS A 45 17.54 11.30 38.44
N ALA A 46 17.73 10.04 38.04
CA ALA A 46 19.02 9.34 38.05
C ALA A 46 19.87 9.89 36.89
N GLU A 47 20.97 9.22 36.58
CA GLU A 47 21.99 9.71 35.63
C GLU A 47 21.41 9.78 34.20
N LYS A 48 20.68 8.74 33.76
CA LYS A 48 20.31 8.54 32.33
C LYS A 48 18.79 8.42 32.12
N ASN A 49 18.00 8.24 33.20
CA ASN A 49 16.52 8.10 33.12
C ASN A 49 15.89 8.47 34.46
N PHE A 50 14.57 8.57 34.51
CA PHE A 50 13.80 8.79 35.76
C PHE A 50 13.46 7.42 36.40
N VAL A 51 13.77 7.20 37.68
CA VAL A 51 13.52 5.91 38.38
C VAL A 51 12.27 6.07 39.26
N ILE A 52 11.16 5.43 38.88
CA ILE A 52 9.91 5.44 39.68
C ILE A 52 10.00 4.29 40.69
N THR A 53 9.82 4.60 41.98
CA THR A 53 9.74 3.59 43.08
C THR A 53 8.29 3.51 43.55
N TYR A 54 7.73 2.29 43.56
CA TYR A 54 6.33 2.00 43.96
C TYR A 54 6.32 1.50 45.41
N ALA A 55 5.19 1.67 46.10
CA ALA A 55 4.96 1.20 47.50
C ALA A 55 5.39 -0.28 47.66
N SER A 56 5.15 -1.10 46.64
CA SER A 56 5.48 -2.55 46.59
C SER A 56 6.99 -2.78 46.52
N GLY A 57 7.81 -1.75 46.39
CA GLY A 57 9.26 -1.89 46.15
C GLY A 57 9.59 -2.16 44.69
N LYS A 58 8.58 -2.39 43.83
CA LYS A 58 8.78 -2.55 42.37
C LYS A 58 9.29 -1.20 41.80
N LYS A 59 10.17 -1.23 40.79
CA LYS A 59 10.71 -0.01 40.14
C LYS A 59 10.45 -0.03 38.62
N ALA A 60 10.24 1.17 38.07
CA ALA A 60 10.18 1.40 36.61
C ALA A 60 11.11 2.57 36.25
N GLN A 61 11.72 2.49 35.06
CA GLN A 61 12.57 3.57 34.49
C GLN A 61 11.81 4.23 33.34
N ILE A 62 11.66 5.55 33.40
CA ILE A 62 11.23 6.37 32.22
C ILE A 62 12.45 7.02 31.58
N SER A 63 12.67 6.74 30.29
CA SER A 63 13.75 7.31 29.45
C SER A 63 13.16 8.31 28.47
N ILE A 64 13.62 9.55 28.53
CA ILE A 64 13.14 10.60 27.62
C ILE A 64 14.07 10.56 26.41
N LEU A 65 13.55 10.21 25.24
CA LEU A 65 14.39 10.00 24.02
C LEU A 65 14.36 11.29 23.20
N ASN A 66 13.20 11.93 23.06
CA ASN A 66 13.08 13.26 22.40
C ASN A 66 11.92 14.00 23.08
N ASP A 67 11.59 15.20 22.62
CA ASP A 67 10.60 16.02 23.33
C ASP A 67 9.17 15.44 23.15
N HIS A 68 8.97 14.35 22.39
CA HIS A 68 7.61 13.75 22.23
C HIS A 68 7.62 12.22 22.25
N LEU A 69 8.64 11.59 22.83
CA LEU A 69 8.84 10.12 22.83
C LEU A 69 9.57 9.70 24.10
N PHE A 70 9.02 8.74 24.81
CA PHE A 70 9.59 8.28 26.09
C PHE A 70 9.35 6.78 26.18
N ARG A 71 10.31 6.06 26.71
CA ARG A 71 10.16 4.65 27.10
C ARG A 71 9.71 4.59 28.55
N TYR A 72 8.74 3.71 28.86
CA TYR A 72 8.36 3.29 30.23
C TYR A 72 8.55 1.77 30.36
N HIS A 73 9.35 1.41 31.35
CA HIS A 73 9.74 0.01 31.65
C HIS A 73 9.54 -0.27 33.15
N LEU A 74 8.55 -1.07 33.51
CA LEU A 74 8.40 -1.66 34.86
C LEU A 74 8.92 -3.09 34.79
N ASP A 75 10.12 -3.31 35.32
CA ASP A 75 10.86 -4.59 35.30
C ASP A 75 11.01 -5.09 36.74
N PRO A 76 10.17 -6.05 37.19
CA PRO A 76 10.40 -6.77 38.44
C PRO A 76 11.83 -7.28 38.65
N THR A 77 12.48 -7.83 37.63
CA THR A 77 13.85 -8.38 37.74
C THR A 77 14.78 -7.30 38.28
N GLY A 78 14.59 -6.04 37.88
CA GLY A 78 15.49 -4.94 38.26
C GLY A 78 16.76 -4.96 37.43
N LYS A 79 16.77 -5.71 36.32
CA LYS A 79 17.93 -5.75 35.38
C LYS A 79 17.87 -4.55 34.45
N PHE A 80 16.66 -4.21 34.00
CA PHE A 80 16.38 -3.09 33.07
C PHE A 80 17.38 -3.15 31.90
N GLU A 81 17.45 -4.30 31.23
CA GLU A 81 18.30 -4.50 30.02
C GLU A 81 17.64 -3.74 28.88
N GLU A 82 18.43 -3.31 27.90
CA GLU A 82 17.95 -2.44 26.80
C GLU A 82 16.88 -3.18 25.97
N TYR A 83 17.03 -4.48 25.78
CA TYR A 83 16.31 -5.26 24.73
C TYR A 83 15.51 -6.39 25.36
N PRO A 84 14.26 -6.65 24.90
CA PRO A 84 13.49 -7.76 25.44
C PRO A 84 14.12 -9.08 25.01
N THR A 85 13.88 -10.13 25.79
CA THR A 85 14.40 -11.49 25.54
C THR A 85 13.69 -12.07 24.33
N PRO A 86 14.43 -12.53 23.28
CA PRO A 86 13.80 -13.09 22.09
C PRO A 86 13.33 -14.54 22.33
N ASN A 87 12.70 -15.18 21.33
CA ASN A 87 12.17 -16.56 21.49
C ASN A 87 13.34 -17.56 21.55
N ASP A 88 14.48 -17.19 20.99
CA ASP A 88 15.66 -18.07 20.91
C ASP A 88 16.85 -17.14 21.11
N PRO A 89 17.85 -17.53 21.93
CA PRO A 89 19.07 -16.74 22.06
C PRO A 89 19.79 -16.37 20.74
N LYS A 90 19.66 -17.16 19.68
CA LYS A 90 20.29 -16.85 18.37
C LYS A 90 19.54 -15.76 17.60
N HIS A 91 18.36 -15.35 18.08
CA HIS A 91 17.61 -14.23 17.47
C HIS A 91 18.17 -12.89 17.97
N VAL A 92 18.95 -12.19 17.14
CA VAL A 92 19.69 -10.95 17.56
C VAL A 92 19.17 -9.73 16.81
N ALA A 93 18.24 -9.88 15.86
CA ALA A 93 17.58 -8.70 15.28
C ALA A 93 16.72 -8.07 16.38
N LYS A 94 16.83 -6.76 16.49
CA LYS A 94 16.19 -5.95 17.54
C LYS A 94 14.97 -5.23 16.95
N ILE A 95 13.94 -5.11 17.77
CA ILE A 95 12.71 -4.33 17.44
C ILE A 95 13.14 -2.92 17.01
N THR A 96 13.98 -2.27 17.81
CA THR A 96 14.46 -0.88 17.57
C THR A 96 15.61 -0.89 16.55
N ALA A 97 15.57 0.06 15.61
CA ALA A 97 16.61 0.35 14.61
C ALA A 97 17.56 1.47 15.10
N LYS A 98 17.20 2.18 16.19
CA LYS A 98 17.98 3.28 16.80
C LYS A 98 18.05 3.01 18.32
N THR A 99 19.26 2.86 18.87
CA THR A 99 19.48 2.62 20.33
C THR A 99 19.00 3.84 21.12
N MET A 100 18.74 3.66 22.41
CA MET A 100 18.29 4.80 23.23
C MET A 100 19.38 5.90 23.25
N ALA A 101 20.64 5.51 23.34
CA ALA A 101 21.83 6.42 23.34
C ALA A 101 21.94 7.24 22.04
N ASP A 102 21.59 6.64 20.90
CA ASP A 102 21.59 7.34 19.58
C ASP A 102 20.53 8.43 19.59
N TYR A 103 19.57 8.46 20.52
CA TYR A 103 18.60 9.58 20.57
C TYR A 103 19.23 10.78 21.31
N GLY A 104 20.35 10.61 22.01
CA GLY A 104 21.03 11.69 22.76
C GLY A 104 20.37 11.98 24.10
N THR A 105 20.99 12.80 24.97
CA THR A 105 20.60 13.05 26.40
C THR A 105 19.80 14.34 26.55
N GLN A 106 19.65 15.11 25.47
CA GLN A 106 19.22 16.53 25.49
C GLN A 106 17.79 16.63 26.04
N ALA A 107 16.83 15.92 25.45
CA ALA A 107 15.42 15.91 25.87
C ALA A 107 15.33 15.58 27.36
N PHE A 108 16.16 14.65 27.80
CA PHE A 108 16.25 14.16 29.20
C PHE A 108 16.77 15.31 30.07
N GLU A 109 17.81 15.99 29.58
CA GLU A 109 18.39 17.15 30.30
C GLU A 109 17.30 18.22 30.46
N GLN A 110 16.42 18.40 29.46
CA GLN A 110 15.42 19.50 29.47
C GLN A 110 14.04 19.03 29.98
N THR A 111 14.04 17.93 30.76
CA THR A 111 12.87 17.35 31.47
C THR A 111 13.10 17.47 32.99
N ASN A 112 12.19 18.10 33.70
CA ASN A 112 12.28 18.31 35.17
C ASN A 112 11.27 17.36 35.82
N VAL A 113 11.55 16.97 37.07
CA VAL A 113 10.58 16.21 37.91
C VAL A 113 10.24 17.08 39.13
N THR A 114 8.96 17.39 39.33
CA THR A 114 8.52 18.18 40.52
C THR A 114 7.55 17.32 41.32
N ASP A 115 7.53 17.50 42.64
CA ASP A 115 6.48 16.99 43.55
C ASP A 115 5.42 18.07 43.74
N SER A 116 4.19 17.90 43.22
CA SER A 116 3.08 18.88 43.37
C SER A 116 1.97 18.32 44.30
N GLY A 117 2.33 17.71 45.43
CA GLY A 117 1.33 17.25 46.42
C GLY A 117 0.66 15.95 46.03
N ASN A 118 -0.36 15.97 45.16
CA ASN A 118 -1.10 14.75 44.76
C ASN A 118 -0.45 14.11 43.53
N GLN A 119 0.42 14.84 42.81
CA GLN A 119 1.06 14.38 41.54
C GLN A 119 2.60 14.46 41.62
N PHE A 120 3.29 13.51 40.98
CA PHE A 120 4.66 13.72 40.43
C PHE A 120 4.53 14.09 38.95
N ILE A 121 5.30 15.08 38.50
CA ILE A 121 5.17 15.64 37.14
C ILE A 121 6.57 15.69 36.53
N LEU A 122 6.74 15.10 35.33
CA LEU A 122 7.93 15.23 34.44
C LEU A 122 7.54 16.16 33.29
N GLU A 123 8.28 17.24 33.06
CA GLU A 123 7.94 18.30 32.07
C GLU A 123 9.19 18.73 31.29
N ASN A 124 8.97 19.03 30.02
CA ASN A 124 9.92 19.53 29.01
C ASN A 124 9.07 20.38 28.08
N ASN A 125 9.64 20.81 26.95
CA ASN A 125 8.99 21.65 25.90
C ASN A 125 7.85 20.88 25.22
N GLY A 126 7.93 19.56 25.15
CA GLY A 126 6.90 18.74 24.47
C GLY A 126 5.76 18.29 25.39
N LEU A 127 6.10 17.65 26.51
CA LEU A 127 5.18 16.78 27.28
C LEU A 127 5.17 17.16 28.76
N LYS A 128 3.97 17.20 29.35
CA LYS A 128 3.75 17.06 30.82
C LYS A 128 3.33 15.60 31.07
N ILE A 129 4.18 14.81 31.75
CA ILE A 129 3.84 13.41 32.12
C ILE A 129 3.54 13.35 33.62
N ILE A 130 2.26 13.11 33.92
CA ILE A 130 1.65 13.39 35.25
C ILE A 130 1.23 12.04 35.84
N PHE A 131 1.75 11.70 37.02
CA PHE A 131 1.37 10.49 37.80
C PHE A 131 0.61 10.91 39.07
N GLU A 132 -0.64 10.45 39.26
CA GLU A 132 -1.34 10.53 40.57
C GLU A 132 -0.58 9.61 41.52
N LYS A 133 -0.17 10.07 42.72
CA LYS A 133 0.71 9.30 43.65
C LYS A 133 -0.03 8.07 44.20
N GLU A 134 -1.26 8.25 44.70
CA GLU A 134 -2.05 7.18 45.37
C GLU A 134 -2.37 6.09 44.32
N SER A 135 -3.03 6.46 43.21
CA SER A 135 -3.55 5.54 42.17
C SER A 135 -2.40 5.05 41.27
N ALA A 136 -1.32 5.81 41.15
CA ALA A 136 -0.13 5.55 40.29
C ALA A 136 -0.49 5.62 38.78
N LEU A 137 -1.67 6.14 38.44
CA LEU A 137 -2.16 6.37 37.05
C LEU A 137 -1.34 7.47 36.37
N MET A 138 -1.00 7.25 35.09
CA MET A 138 -0.22 8.19 34.25
C MET A 138 -1.18 8.87 33.27
N LYS A 139 -0.97 10.16 33.03
CA LYS A 139 -1.56 10.86 31.86
C LYS A 139 -0.47 11.72 31.21
N VAL A 140 -0.65 11.99 29.91
CA VAL A 140 0.30 12.85 29.14
C VAL A 140 -0.50 13.99 28.51
N LEU A 141 -0.07 15.20 28.85
CA LEU A 141 -0.44 16.46 28.16
C LEU A 141 0.62 16.77 27.10
N ASP A 142 0.15 17.00 25.88
CA ASP A 142 0.92 17.55 24.71
C ASP A 142 0.83 19.08 24.81
N LYS A 143 1.96 19.73 25.04
CA LYS A 143 1.99 21.18 25.46
C LYS A 143 1.56 22.10 24.31
N LYS A 144 2.10 21.91 23.10
CA LYS A 144 1.73 22.71 21.91
C LYS A 144 0.20 22.63 21.67
N LYS A 145 -0.42 21.48 21.94
CA LYS A 145 -1.89 21.30 21.82
C LYS A 145 -2.59 21.73 23.12
N ASN A 146 -1.88 21.63 24.24
CA ASN A 146 -2.42 21.97 25.58
C ASN A 146 -3.63 21.09 25.89
N GLN A 147 -3.57 19.79 25.56
CA GLN A 147 -4.65 18.78 25.75
C GLN A 147 -4.05 17.57 26.46
N VAL A 148 -4.84 16.78 27.18
CA VAL A 148 -4.41 15.46 27.71
C VAL A 148 -4.74 14.44 26.62
N ILE A 149 -3.71 13.77 26.11
CA ILE A 149 -3.81 12.91 24.90
C ILE A 149 -4.00 11.46 25.36
N LEU A 150 -3.34 11.07 26.47
CA LEU A 150 -3.30 9.70 27.00
C LEU A 150 -3.54 9.74 28.51
N GLU A 151 -4.49 8.92 28.99
CA GLU A 151 -4.88 8.82 30.41
C GLU A 151 -5.13 7.35 30.77
N GLU A 152 -4.35 6.83 31.69
CA GLU A 152 -4.65 5.57 32.41
C GLU A 152 -5.88 5.75 33.31
N THR A 153 -6.79 4.76 33.32
CA THR A 153 -8.07 4.80 34.08
C THR A 153 -8.08 3.69 35.13
N ALA A 154 -7.07 2.82 35.09
CA ALA A 154 -6.81 1.74 36.05
C ALA A 154 -5.33 1.40 35.94
N PRO A 155 -4.73 0.92 37.05
CA PRO A 155 -3.28 0.76 37.09
C PRO A 155 -2.85 -0.46 36.29
N LEU A 156 -1.55 -0.56 36.02
CA LEU A 156 -0.98 -1.76 35.34
C LEU A 156 -1.32 -3.01 36.15
N SER A 157 -1.97 -4.00 35.56
CA SER A 157 -2.22 -5.33 36.17
C SER A 157 -1.25 -6.36 35.57
N PHE A 158 -0.65 -7.22 36.41
CA PHE A 158 0.21 -8.37 36.02
C PHE A 158 -0.45 -9.73 36.32
N LYS A 159 -1.79 -9.80 36.33
CA LYS A 159 -2.51 -11.07 36.69
C LYS A 159 -2.36 -12.09 35.55
N ASN A 160 -2.24 -13.37 35.91
CA ASN A 160 -2.27 -14.55 35.00
C ASN A 160 -1.19 -14.45 33.92
N ASP A 161 -0.01 -13.95 34.30
CA ASP A 161 1.25 -13.98 33.52
C ASP A 161 1.04 -13.14 32.25
N LYS A 162 0.28 -12.06 32.41
CA LYS A 162 -0.06 -11.06 31.37
C LYS A 162 0.17 -9.69 31.98
N ALA A 163 0.45 -8.69 31.14
CA ALA A 163 0.78 -7.31 31.51
C ALA A 163 -0.15 -6.41 30.73
N THR A 164 -1.11 -5.81 31.43
CA THR A 164 -2.24 -5.10 30.83
C THR A 164 -2.20 -3.63 31.26
N GLN A 165 -2.29 -2.72 30.30
CA GLN A 165 -2.54 -1.27 30.55
C GLN A 165 -4.01 -0.99 30.25
N THR A 166 -4.64 -0.04 30.97
CA THR A 166 -6.05 0.36 30.78
C THR A 166 -6.09 1.86 30.50
N LEU A 167 -6.64 2.28 29.37
CA LEU A 167 -6.65 3.71 28.98
C LEU A 167 -8.08 4.19 28.73
N LYS A 168 -8.26 5.50 28.95
CA LYS A 168 -9.46 6.25 28.55
C LYS A 168 -9.55 6.19 27.02
N GLN A 169 -10.73 5.86 26.50
CA GLN A 169 -11.17 6.02 25.10
C GLN A 169 -12.25 7.11 25.04
N SER A 170 -12.08 8.13 24.19
CA SER A 170 -13.09 9.20 24.00
C SER A 170 -14.08 8.79 22.91
N SER A 171 -15.23 9.46 22.84
CA SER A 171 -16.30 9.17 21.87
C SER A 171 -15.77 9.27 20.41
N GLN A 172 -14.91 10.22 20.06
CA GLN A 172 -14.42 10.42 18.68
C GLN A 172 -13.02 9.79 18.49
N GLU A 173 -12.50 9.06 19.47
CA GLU A 173 -11.12 8.53 19.36
C GLU A 173 -11.18 7.28 18.45
N ASN A 174 -10.38 7.25 17.39
CA ASN A 174 -10.25 6.06 16.49
C ASN A 174 -8.85 5.45 16.61
N TYR A 175 -8.71 4.18 16.27
CA TYR A 175 -7.45 3.45 16.48
C TYR A 175 -7.09 2.71 15.19
N PHE A 176 -5.79 2.60 14.89
CA PHE A 176 -5.23 1.87 13.72
C PHE A 176 -4.01 1.06 14.16
N GLY A 177 -3.58 0.10 13.34
CA GLY A 177 -2.32 -0.62 13.56
C GLY A 177 -2.58 -2.08 13.82
N GLY A 178 -1.69 -2.71 14.58
CA GLY A 178 -1.74 -4.15 14.89
C GLY A 178 -1.06 -4.98 13.81
N GLY A 179 -0.65 -4.36 12.70
CA GLY A 179 -0.01 -5.11 11.60
C GLY A 179 -1.05 -5.44 10.53
N THR A 180 -0.90 -6.57 9.87
CA THR A 180 -1.81 -7.10 8.84
C THR A 180 -2.96 -7.81 9.53
N GLN A 181 -4.06 -7.10 9.73
CA GLN A 181 -5.22 -7.59 10.50
C GLN A 181 -6.29 -7.98 9.47
N ASN A 182 -6.19 -9.21 8.98
CA ASN A 182 -6.90 -9.68 7.76
C ASN A 182 -8.35 -9.16 7.78
N GLY A 183 -8.68 -8.32 6.82
CA GLY A 183 -10.07 -7.85 6.62
C GLY A 183 -10.39 -6.55 7.34
N ARG A 184 -9.44 -5.97 8.05
CA ARG A 184 -9.74 -4.85 8.98
C ARG A 184 -8.65 -3.76 8.91
N PHE A 185 -9.05 -2.51 9.16
CA PHE A 185 -8.13 -1.36 9.31
C PHE A 185 -8.51 -0.44 10.49
N THR A 186 -9.80 -0.21 10.80
CA THR A 186 -10.26 0.76 11.83
C THR A 186 -10.81 -0.03 13.05
N HIS A 187 -10.20 0.13 14.21
CA HIS A 187 -10.34 -0.81 15.33
C HIS A 187 -11.21 -0.31 16.49
N LYS A 188 -11.66 0.94 16.51
CA LYS A 188 -12.59 1.37 17.61
C LYS A 188 -13.73 0.35 17.72
N GLY A 189 -14.09 0.00 18.95
CA GLY A 189 -15.19 -0.92 19.28
C GLY A 189 -14.91 -2.38 18.98
N THR A 190 -13.64 -2.74 18.76
CA THR A 190 -13.18 -4.10 18.41
C THR A 190 -11.95 -4.45 19.23
N ALA A 191 -11.71 -5.75 19.33
CA ALA A 191 -10.46 -6.35 19.80
C ALA A 191 -9.70 -6.95 18.60
N ILE A 192 -8.38 -6.81 18.65
CA ILE A 192 -7.43 -7.40 17.65
C ILE A 192 -6.38 -8.21 18.41
N GLN A 193 -6.00 -9.32 17.82
CA GLN A 193 -4.93 -10.24 18.29
C GLN A 193 -3.58 -9.81 17.71
N ILE A 194 -2.61 -9.57 18.59
CA ILE A 194 -1.19 -9.29 18.21
C ILE A 194 -0.54 -10.66 18.34
N VAL A 195 -0.93 -11.53 17.38
CA VAL A 195 -0.59 -12.97 17.39
C VAL A 195 -0.14 -13.42 15.99
N ASN A 196 0.92 -14.22 15.96
CA ASN A 196 1.43 -14.96 14.80
C ASN A 196 0.42 -16.07 14.46
N THR A 197 -0.75 -15.72 13.94
CA THR A 197 -1.87 -16.68 13.77
C THR A 197 -1.58 -17.72 12.67
N ASN A 198 -0.83 -17.40 11.59
CA ASN A 198 -0.68 -18.33 10.43
C ASN A 198 -2.06 -18.61 9.84
N ASN A 199 -2.95 -17.62 9.92
CA ASN A 199 -4.33 -17.62 9.38
C ASN A 199 -4.31 -16.50 8.34
N TRP A 200 -4.52 -16.86 7.08
CA TRP A 200 -4.32 -15.96 5.90
C TRP A 200 -5.66 -15.42 5.44
N VAL A 201 -6.77 -15.76 6.07
CA VAL A 201 -8.08 -15.26 5.54
C VAL A 201 -8.68 -14.25 6.49
N ASP A 202 -9.83 -13.72 6.09
CA ASP A 202 -10.64 -12.73 6.85
C ASP A 202 -10.73 -13.08 8.32
N GLY A 203 -10.30 -12.16 9.17
CA GLY A 203 -10.36 -12.34 10.64
C GLY A 203 -9.08 -12.91 11.24
N GLY A 204 -8.19 -13.49 10.45
CA GLY A 204 -6.81 -13.88 10.86
C GLY A 204 -5.83 -12.67 10.89
N VAL A 205 -4.58 -12.93 11.20
CA VAL A 205 -3.49 -11.92 11.26
C VAL A 205 -2.33 -12.53 10.47
N ALA A 206 -2.16 -12.14 9.19
CA ALA A 206 -1.04 -12.67 8.40
C ALA A 206 0.31 -12.26 8.97
N SER A 207 0.39 -11.11 9.64
CA SER A 207 1.68 -10.47 10.01
C SER A 207 1.40 -9.49 11.14
N PRO A 208 1.54 -9.93 12.41
CA PRO A 208 1.23 -9.08 13.53
C PRO A 208 2.30 -8.01 13.83
N ASN A 209 1.87 -6.97 14.55
CA ASN A 209 2.76 -5.87 14.93
C ASN A 209 2.30 -5.27 16.26
N PRO A 210 3.15 -5.28 17.30
CA PRO A 210 2.75 -4.71 18.59
C PRO A 210 2.79 -3.20 18.58
N PHE A 211 2.09 -2.58 17.62
CA PHE A 211 2.20 -1.14 17.33
C PHE A 211 0.76 -0.69 17.05
N TYR A 212 0.20 0.21 17.83
CA TYR A 212 -1.11 0.83 17.49
C TYR A 212 -1.00 2.33 17.72
N TRP A 213 -1.94 3.08 17.17
CA TRP A 213 -2.00 4.51 17.40
C TRP A 213 -3.45 4.99 17.43
N SER A 214 -3.60 6.14 18.09
CA SER A 214 -4.89 6.80 18.36
C SER A 214 -4.95 8.10 17.57
N THR A 215 -6.13 8.42 17.05
CA THR A 215 -6.44 9.73 16.41
C THR A 215 -6.34 10.87 17.42
N ALA A 216 -6.32 10.53 18.70
CA ALA A 216 -6.10 11.47 19.82
C ALA A 216 -4.70 12.07 19.70
N GLY A 217 -3.74 11.34 19.09
CA GLY A 217 -2.40 11.86 18.76
C GLY A 217 -1.28 11.14 19.50
N TYR A 218 -1.40 9.83 19.73
CA TYR A 218 -0.36 8.99 20.35
C TYR A 218 -0.25 7.66 19.57
N GLY A 219 0.96 7.13 19.56
CA GLY A 219 1.25 5.77 19.11
C GLY A 219 2.04 5.05 20.17
N VAL A 220 1.91 3.72 20.20
CA VAL A 220 2.55 2.88 21.25
C VAL A 220 3.17 1.65 20.59
N VAL A 221 4.44 1.41 20.92
CA VAL A 221 5.09 0.12 20.59
C VAL A 221 5.33 -0.62 21.89
N ARG A 222 4.82 -1.82 22.02
CA ARG A 222 5.12 -2.64 23.22
C ARG A 222 6.43 -3.37 22.91
N ASN A 223 7.43 -3.21 23.79
CA ASN A 223 8.83 -3.64 23.55
C ASN A 223 8.94 -5.08 24.00
N THR A 224 8.27 -5.99 23.26
CA THR A 224 8.12 -7.41 23.61
C THR A 224 8.14 -8.21 22.30
N TRP A 225 8.57 -9.45 22.39
CA TRP A 225 8.39 -10.51 21.38
C TRP A 225 7.16 -11.39 21.68
N LYS A 226 6.45 -11.16 22.78
CA LYS A 226 5.37 -12.04 23.31
C LYS A 226 4.05 -11.65 22.66
N PRO A 227 3.16 -12.60 22.34
CA PRO A 227 1.84 -12.20 21.80
C PRO A 227 0.96 -11.38 22.77
N GLY A 228 -0.03 -10.70 22.17
CA GLY A 228 -0.96 -9.83 22.93
C GLY A 228 -2.31 -9.69 22.28
N ASN A 229 -3.12 -8.86 22.89
CA ASN A 229 -4.53 -8.66 22.51
C ASN A 229 -4.85 -7.21 22.84
N TYR A 230 -5.29 -6.41 21.87
CA TYR A 230 -5.65 -5.00 22.15
C TYR A 230 -7.18 -4.89 22.04
N ASP A 231 -7.86 -4.43 23.09
CA ASP A 231 -9.35 -4.28 23.09
C ASP A 231 -9.66 -2.79 23.12
N PHE A 232 -10.13 -2.26 21.98
CA PHE A 232 -10.47 -0.83 21.77
C PHE A 232 -11.92 -0.56 22.15
N GLY A 233 -12.30 -1.03 23.35
CA GLY A 233 -13.63 -0.81 23.94
C GLY A 233 -14.70 -1.59 23.20
N SER A 234 -14.38 -2.85 22.92
CA SER A 234 -15.32 -3.84 22.31
C SER A 234 -16.63 -3.81 23.09
N HIS A 235 -16.51 -3.85 24.41
CA HIS A 235 -17.66 -3.93 25.36
C HIS A 235 -17.84 -2.58 26.07
N ASP A 236 -16.85 -2.17 26.87
CA ASP A 236 -16.85 -0.83 27.52
C ASP A 236 -16.24 0.18 26.54
N PRO A 237 -17.02 1.05 25.85
CA PRO A 237 -16.45 1.92 24.81
C PRO A 237 -15.68 3.13 25.37
N GLN A 238 -15.64 3.27 26.70
CA GLN A 238 -14.87 4.36 27.38
C GLN A 238 -13.49 3.84 27.83
N THR A 239 -13.19 2.56 27.58
CA THR A 239 -11.97 1.86 28.04
C THR A 239 -11.30 1.14 26.88
N THR A 240 -10.00 1.33 26.74
CA THR A 240 -9.12 0.53 25.83
C THR A 240 -8.12 -0.23 26.70
N THR A 241 -8.00 -1.55 26.55
CA THR A 241 -7.02 -2.38 27.30
C THR A 241 -6.01 -2.90 26.29
N THR A 242 -4.73 -2.93 26.65
CA THR A 242 -3.65 -3.58 25.85
C THR A 242 -2.98 -4.60 26.76
N THR A 243 -2.93 -5.86 26.33
CA THR A 243 -2.39 -7.03 27.08
C THR A 243 -1.30 -7.71 26.25
N HIS A 244 -0.16 -8.04 26.87
CA HIS A 244 0.81 -9.02 26.33
C HIS A 244 1.12 -10.06 27.41
N GLU A 245 1.24 -11.32 26.99
CA GLU A 245 1.79 -12.38 27.85
C GLU A 245 3.09 -11.83 28.43
N GLY A 246 3.37 -12.13 29.70
CA GLY A 246 4.67 -11.89 30.34
C GLY A 246 4.53 -11.16 31.65
N THR A 247 5.67 -10.81 32.24
CA THR A 247 5.85 -10.45 33.67
C THR A 247 6.38 -9.04 33.82
N ASP A 248 6.76 -8.35 32.74
CA ASP A 248 7.16 -6.91 32.83
C ASP A 248 6.30 -6.09 31.87
N PHE A 249 6.42 -4.77 31.92
CA PHE A 249 5.73 -3.86 30.99
C PHE A 249 6.79 -2.91 30.40
N ASP A 250 7.00 -2.97 29.09
CA ASP A 250 8.00 -2.14 28.35
C ASP A 250 7.35 -1.56 27.10
N ALA A 251 7.30 -0.24 26.98
CA ALA A 251 6.56 0.42 25.89
C ALA A 251 7.21 1.76 25.54
N PHE A 252 7.14 2.08 24.25
CA PHE A 252 7.48 3.41 23.69
C PHE A 252 6.19 4.13 23.40
N TYR A 253 6.04 5.33 23.97
CA TYR A 253 4.93 6.27 23.71
C TYR A 253 5.49 7.44 22.92
N PHE A 254 4.86 7.77 21.80
CA PHE A 254 5.24 8.95 20.98
C PHE A 254 3.96 9.72 20.74
N PHE A 255 4.08 11.05 20.79
CA PHE A 255 2.92 11.97 20.61
C PHE A 255 3.16 12.83 19.37
N ASN A 256 2.12 13.02 18.56
CA ASN A 256 2.27 13.78 17.30
C ASN A 256 0.91 14.22 16.79
N ASP A 257 0.88 15.34 16.06
CA ASP A 257 -0.41 16.01 15.67
C ASP A 257 -0.81 15.60 14.26
N SER A 258 -0.08 14.69 13.60
CA SER A 258 -0.36 14.29 12.20
C SER A 258 -0.09 12.80 12.08
N SER A 259 -0.90 12.11 11.27
CA SER A 259 -0.70 10.67 10.97
C SER A 259 0.71 10.48 10.35
N ALA A 260 1.17 11.35 9.43
CA ALA A 260 2.53 11.24 8.87
C ALA A 260 3.57 11.25 10.00
N GLY A 261 3.43 12.13 11.00
CA GLY A 261 4.42 12.25 12.09
C GLY A 261 4.43 11.02 13.01
N ILE A 262 3.27 10.44 13.30
CA ILE A 262 3.15 9.18 14.11
C ILE A 262 4.01 8.10 13.43
N LEU A 263 3.79 7.89 12.13
CA LEU A 263 4.54 6.85 11.37
C LEU A 263 6.03 7.22 11.35
N LYS A 264 6.37 8.49 11.11
CA LYS A 264 7.81 8.86 11.11
C LYS A 264 8.41 8.45 12.46
N ASP A 265 7.73 8.71 13.58
CA ASP A 265 8.23 8.34 14.94
C ASP A 265 8.47 6.82 14.97
N TYR A 266 7.47 6.05 14.53
CA TYR A 266 7.57 4.55 14.57
C TYR A 266 8.76 4.13 13.71
N TYR A 267 8.95 4.82 12.58
CA TYR A 267 10.06 4.59 11.61
C TYR A 267 11.41 5.00 12.20
N GLU A 268 11.55 6.19 12.83
CA GLU A 268 12.83 6.52 13.52
C GLU A 268 13.15 5.48 14.59
N LEU A 269 12.10 4.97 15.22
CA LEU A 269 12.26 3.98 16.31
C LEU A 269 12.59 2.56 15.78
N THR A 270 11.82 1.99 14.85
CA THR A 270 11.95 0.57 14.45
C THR A 270 12.58 0.38 13.06
N GLY A 271 12.86 1.46 12.34
CA GLY A 271 13.40 1.35 10.97
C GLY A 271 12.50 1.97 9.92
N LYS A 272 13.08 2.84 9.10
CA LYS A 272 12.38 3.36 7.90
C LYS A 272 12.10 2.20 6.94
N PRO A 273 10.92 2.13 6.30
CA PRO A 273 10.70 1.11 5.30
C PRO A 273 11.80 1.02 4.21
N ALA A 274 12.13 -0.20 3.81
CA ALA A 274 13.01 -0.40 2.64
C ALA A 274 12.27 0.23 1.46
N LEU A 275 13.00 0.83 0.52
CA LEU A 275 12.42 1.24 -0.77
C LEU A 275 12.61 0.09 -1.77
N MET A 276 11.54 -0.52 -2.26
CA MET A 276 11.68 -1.61 -3.24
C MET A 276 12.50 -1.12 -4.42
N PRO A 277 13.31 -1.99 -5.06
CA PRO A 277 13.83 -1.63 -6.38
C PRO A 277 12.64 -1.43 -7.33
N GLU A 278 12.83 -0.72 -8.46
CA GLU A 278 11.76 -0.44 -9.46
C GLU A 278 11.03 -1.75 -9.84
N TYR A 279 11.79 -2.80 -10.12
CA TYR A 279 11.26 -4.06 -10.69
C TYR A 279 10.27 -4.70 -9.69
N GLY A 280 10.39 -4.42 -8.38
CA GLY A 280 9.53 -5.04 -7.36
C GLY A 280 8.09 -4.53 -7.50
N PHE A 281 7.88 -3.44 -8.23
CA PHE A 281 6.51 -2.86 -8.38
C PHE A 281 5.78 -3.57 -9.53
N TYR A 282 6.52 -4.32 -10.34
CA TYR A 282 6.02 -5.07 -11.52
C TYR A 282 5.60 -6.45 -11.05
N GLU A 283 4.52 -7.00 -11.62
CA GLU A 283 4.04 -8.37 -11.28
C GLU A 283 5.19 -9.38 -11.43
N ALA A 284 5.25 -10.34 -10.51
CA ALA A 284 6.18 -11.48 -10.56
C ALA A 284 5.44 -12.75 -10.96
N HIS A 285 6.19 -13.76 -11.36
CA HIS A 285 5.68 -15.14 -11.59
C HIS A 285 6.44 -16.04 -10.61
N LEU A 286 5.70 -16.87 -9.88
CA LEU A 286 6.23 -17.77 -8.82
C LEU A 286 5.72 -19.17 -9.07
N ASN A 287 6.62 -20.18 -9.15
CA ASN A 287 6.23 -21.60 -9.34
C ASN A 287 7.53 -22.43 -9.18
N ALA A 288 7.39 -23.75 -9.14
CA ALA A 288 8.54 -24.69 -9.18
C ALA A 288 8.59 -25.24 -10.62
N TYR A 289 9.79 -25.26 -11.21
CA TYR A 289 10.06 -25.72 -12.61
C TYR A 289 11.17 -26.77 -12.59
N ASN A 290 11.49 -27.34 -11.42
CA ASN A 290 12.62 -28.30 -11.27
C ASN A 290 12.16 -29.72 -10.84
N ARG A 291 10.86 -29.96 -10.65
CA ARG A 291 10.38 -31.06 -9.78
C ARG A 291 9.42 -31.96 -10.56
N ASP A 292 8.39 -31.39 -11.18
CA ASP A 292 7.20 -32.17 -11.57
C ASP A 292 7.27 -32.64 -13.04
N TYR A 293 6.28 -33.48 -13.39
CA TYR A 293 6.11 -34.16 -14.69
C TYR A 293 4.79 -33.71 -15.31
N TRP A 294 4.80 -33.54 -16.62
CA TRP A 294 3.57 -33.25 -17.37
C TRP A 294 3.26 -34.48 -18.23
N VAL A 295 2.01 -34.92 -18.13
CA VAL A 295 1.46 -36.16 -18.73
C VAL A 295 0.41 -35.79 -19.77
N LYS A 296 0.48 -36.37 -20.95
CA LYS A 296 -0.44 -36.02 -22.06
C LYS A 296 -1.79 -36.63 -21.72
N VAL A 297 -2.87 -35.84 -21.77
CA VAL A 297 -4.24 -36.23 -21.36
C VAL A 297 -5.22 -35.62 -22.36
N ALA A 298 -6.48 -36.03 -22.27
CA ALA A 298 -7.57 -35.51 -23.13
C ALA A 298 -7.93 -34.11 -22.68
N GLU A 299 -8.15 -33.22 -23.65
CA GLU A 299 -8.87 -31.94 -23.43
C GLU A 299 -10.06 -32.19 -22.52
N GLY A 300 -10.19 -31.42 -21.45
CA GLY A 300 -11.33 -31.50 -20.52
C GLY A 300 -11.07 -32.47 -19.40
N THR A 301 -9.89 -33.14 -19.38
CA THR A 301 -9.35 -33.82 -18.19
C THR A 301 -9.17 -32.77 -17.09
N ALA A 302 -9.53 -33.07 -15.83
CA ALA A 302 -9.37 -32.15 -14.67
C ALA A 302 -7.88 -31.87 -14.48
N GLY A 303 -7.51 -30.60 -14.63
CA GLY A 303 -6.16 -30.08 -14.41
C GLY A 303 -5.38 -30.02 -15.70
N ALA A 304 -6.04 -30.29 -16.83
CA ALA A 304 -5.41 -30.23 -18.17
C ALA A 304 -5.01 -28.79 -18.47
N VAL A 305 -3.78 -28.59 -18.94
CA VAL A 305 -3.35 -27.28 -19.50
C VAL A 305 -2.91 -27.45 -20.94
N LYS A 306 -3.38 -26.56 -21.83
CA LYS A 306 -2.96 -26.55 -23.23
C LYS A 306 -1.58 -25.90 -23.33
N PHE A 307 -0.66 -26.51 -24.05
CA PHE A 307 0.71 -26.01 -24.29
C PHE A 307 0.82 -25.64 -25.77
N GLU A 308 1.98 -25.15 -26.18
CA GLU A 308 2.15 -24.51 -27.53
C GLU A 308 2.11 -25.60 -28.61
N ASP A 309 2.31 -26.89 -28.28
CA ASP A 309 2.31 -28.00 -29.26
C ASP A 309 0.86 -28.42 -29.59
N GLY A 310 -0.14 -27.76 -29.00
CA GLY A 310 -1.57 -27.96 -29.33
C GLY A 310 -2.17 -29.08 -28.50
N ASN A 311 -1.35 -29.70 -27.65
CA ASN A 311 -1.77 -30.81 -26.78
C ASN A 311 -2.07 -30.30 -25.37
N PHE A 312 -2.71 -31.16 -24.57
CA PHE A 312 -3.14 -30.90 -23.18
C PHE A 312 -2.32 -31.83 -22.29
N TYR A 313 -1.83 -31.28 -21.19
CA TYR A 313 -0.98 -32.02 -20.23
C TYR A 313 -1.52 -31.73 -18.83
N LYS A 314 -1.34 -32.69 -17.95
CA LYS A 314 -1.65 -32.64 -16.51
C LYS A 314 -0.35 -32.83 -15.75
N GLU A 315 -0.18 -32.03 -14.70
CA GLU A 315 1.04 -31.96 -13.88
C GLU A 315 0.87 -32.96 -12.73
N TYR A 316 1.95 -33.69 -12.45
CA TYR A 316 2.07 -34.75 -11.42
C TYR A 316 3.35 -34.52 -10.65
N GLN A 317 3.25 -34.41 -9.33
CA GLN A 317 4.44 -34.51 -8.46
C GLN A 317 5.00 -35.90 -8.63
N PRO A 318 6.32 -36.05 -8.51
CA PRO A 318 6.98 -37.33 -8.77
C PRO A 318 6.34 -38.45 -7.93
N GLY A 319 5.89 -38.13 -6.71
CA GLY A 319 5.25 -39.08 -5.79
C GLY A 319 3.87 -39.50 -6.25
N ASP A 320 3.18 -38.72 -7.08
CA ASP A 320 1.79 -39.01 -7.53
C ASP A 320 1.76 -39.62 -8.94
N LEU A 321 2.91 -39.81 -9.58
CA LEU A 321 2.93 -40.19 -11.01
C LEU A 321 2.50 -41.67 -11.18
N GLY A 322 2.78 -42.54 -10.20
CA GLY A 322 2.65 -44.01 -10.35
C GLY A 322 3.28 -44.53 -11.65
N ASN A 323 2.51 -45.29 -12.44
CA ASN A 323 2.91 -45.94 -13.72
C ASN A 323 2.86 -44.95 -14.90
N LEU A 324 2.53 -43.68 -14.68
CA LEU A 324 2.24 -42.77 -15.82
C LEU A 324 3.55 -42.37 -16.51
N ASN A 325 3.46 -42.13 -17.80
CA ASN A 325 4.58 -41.62 -18.64
C ASN A 325 4.41 -40.12 -18.75
N GLY A 326 5.39 -39.34 -18.28
CA GLY A 326 5.37 -37.88 -18.46
C GLY A 326 6.73 -37.27 -18.65
N THR A 327 6.73 -35.95 -18.90
CA THR A 327 7.93 -35.16 -19.22
C THR A 327 8.36 -34.37 -17.99
N LEU A 328 9.62 -34.54 -17.60
CA LEU A 328 10.16 -33.86 -16.41
C LEU A 328 10.42 -32.41 -16.77
N GLU A 329 9.89 -31.48 -15.97
CA GLU A 329 10.19 -30.05 -16.14
C GLU A 329 11.66 -29.75 -15.81
N SER A 330 12.21 -28.67 -16.36
CA SER A 330 13.47 -28.06 -15.86
C SER A 330 13.33 -26.53 -15.93
N LEU A 331 14.24 -25.77 -15.32
CA LEU A 331 14.28 -24.30 -15.38
C LEU A 331 14.53 -23.85 -16.82
N ASN A 332 15.48 -24.48 -17.50
CA ASN A 332 16.05 -23.95 -18.76
C ASN A 332 15.45 -24.72 -19.96
N GLY A 333 14.68 -25.77 -19.75
CA GLY A 333 14.01 -26.47 -20.88
C GLY A 333 15.00 -27.10 -21.85
N GLU A 334 16.07 -27.65 -21.32
CA GLU A 334 17.23 -28.22 -22.06
C GLU A 334 17.03 -29.72 -22.32
N LYS A 335 15.97 -30.34 -21.78
CA LYS A 335 15.81 -31.83 -21.76
C LYS A 335 14.53 -32.22 -22.52
N GLU A 336 14.39 -31.77 -23.77
CA GLU A 336 13.28 -32.13 -24.69
C GLU A 336 11.97 -31.74 -24.02
N ASN A 337 12.02 -30.66 -23.24
CA ASN A 337 10.95 -30.31 -22.29
C ASN A 337 10.64 -28.80 -22.33
N TYR A 338 10.96 -28.09 -23.41
CA TYR A 338 11.07 -26.61 -23.36
C TYR A 338 9.75 -25.98 -22.87
N GLN A 339 8.60 -26.41 -23.43
CA GLN A 339 7.29 -25.77 -23.17
C GLN A 339 6.91 -25.94 -21.69
N PHE A 340 7.48 -26.92 -20.99
CA PHE A 340 7.25 -27.12 -19.54
C PHE A 340 8.23 -26.32 -18.65
N SER A 341 9.05 -25.44 -19.22
CA SER A 341 10.16 -24.77 -18.49
C SER A 341 9.75 -23.44 -17.88
N ALA A 342 10.60 -22.97 -16.97
CA ALA A 342 10.60 -21.57 -16.45
C ALA A 342 10.87 -20.59 -17.60
N ARG A 343 11.81 -20.85 -18.52
CA ARG A 343 12.11 -19.94 -19.69
C ARG A 343 10.83 -19.72 -20.52
N ALA A 344 10.09 -20.82 -20.78
CA ALA A 344 8.85 -20.82 -21.58
C ALA A 344 7.84 -19.87 -20.96
N VAL A 345 7.77 -19.82 -19.62
CA VAL A 345 6.84 -18.86 -18.94
C VAL A 345 7.27 -17.43 -19.26
N ILE A 346 8.55 -17.09 -19.14
CA ILE A 346 9.10 -15.72 -19.48
C ILE A 346 8.71 -15.47 -20.93
N ASP A 347 8.81 -16.48 -21.78
CA ASP A 347 8.49 -16.36 -23.24
C ASP A 347 6.99 -16.06 -23.44
N ARG A 348 6.14 -16.66 -22.62
CA ARG A 348 4.65 -16.49 -22.64
C ARG A 348 4.28 -15.09 -22.21
N TYR A 349 4.89 -14.58 -21.15
CA TYR A 349 4.68 -13.17 -20.73
C TYR A 349 5.12 -12.21 -21.86
N LYS A 350 6.25 -12.50 -22.50
CA LYS A 350 6.69 -11.67 -23.63
C LYS A 350 5.65 -11.81 -24.76
N LYS A 351 5.20 -13.03 -25.09
CA LYS A 351 4.37 -13.22 -26.33
C LYS A 351 3.04 -12.47 -26.20
N ASN A 352 2.50 -12.48 -24.98
CA ASN A 352 1.27 -11.81 -24.53
C ASN A 352 1.49 -10.33 -24.20
N ASP A 353 2.71 -9.81 -24.39
CA ASP A 353 3.06 -8.39 -24.13
C ASP A 353 2.55 -7.97 -22.74
N MET A 354 2.91 -8.74 -21.72
CA MET A 354 2.59 -8.48 -20.27
C MET A 354 3.84 -7.99 -19.54
N PRO A 355 3.76 -6.88 -18.74
CA PRO A 355 4.88 -6.52 -17.87
C PRO A 355 5.26 -7.71 -16.98
N LEU A 356 6.56 -7.92 -16.79
CA LEU A 356 7.05 -8.97 -15.89
C LEU A 356 8.38 -8.49 -15.29
N GLY A 357 8.39 -8.23 -13.99
CA GLY A 357 9.54 -7.66 -13.28
C GLY A 357 10.50 -8.74 -12.79
N TRP A 358 9.94 -9.84 -12.26
CA TRP A 358 10.73 -10.80 -11.50
C TRP A 358 10.05 -12.18 -11.46
N PHE A 359 10.86 -13.21 -11.24
CA PHE A 359 10.52 -14.64 -11.39
C PHE A 359 11.18 -15.45 -10.28
N LEU A 360 10.36 -16.25 -9.60
CA LEU A 360 10.83 -17.27 -8.60
C LEU A 360 10.58 -18.66 -9.15
N PRO A 361 11.64 -19.42 -9.52
CA PRO A 361 11.52 -20.70 -10.18
C PRO A 361 11.62 -21.97 -9.33
N ASN A 362 11.73 -21.77 -8.01
CA ASN A 362 11.91 -22.82 -6.97
C ASN A 362 10.84 -22.71 -5.92
N ASP A 363 9.68 -22.13 -6.25
CA ASP A 363 8.57 -21.91 -5.30
C ASP A 363 7.70 -23.18 -5.28
N GLY A 364 8.06 -24.12 -4.42
CA GLY A 364 7.32 -25.37 -4.24
C GLY A 364 8.12 -26.28 -3.33
N TYR A 365 7.43 -27.15 -2.60
CA TYR A 365 8.06 -27.95 -1.52
C TYR A 365 9.02 -28.95 -2.15
N GLY A 366 10.27 -28.98 -1.64
CA GLY A 366 11.36 -29.84 -2.12
C GLY A 366 11.68 -29.67 -3.60
N ALA A 367 11.31 -28.54 -4.22
CA ALA A 367 11.41 -28.38 -5.69
C ALA A 367 12.88 -28.31 -6.12
N GLY A 368 13.60 -27.33 -5.57
CA GLY A 368 15.02 -27.10 -5.78
C GLY A 368 15.15 -26.23 -7.03
N TYR A 369 16.38 -25.99 -7.51
CA TYR A 369 16.57 -25.19 -8.76
C TYR A 369 17.61 -25.85 -9.67
N GLY A 370 17.92 -27.11 -9.42
CA GLY A 370 18.72 -27.88 -10.40
C GLY A 370 18.56 -29.35 -10.20
N GLN A 371 18.98 -30.12 -11.22
CA GLN A 371 18.85 -31.60 -11.25
C GLN A 371 20.24 -32.24 -11.33
N THR A 372 21.27 -31.61 -10.73
CA THR A 372 22.67 -32.13 -10.72
C THR A 372 22.87 -32.95 -9.44
N ASP A 373 24.08 -33.47 -9.27
CA ASP A 373 24.54 -34.23 -8.09
C ASP A 373 25.20 -33.25 -7.10
N SER A 374 25.01 -31.93 -7.24
CA SER A 374 25.71 -30.95 -6.37
C SER A 374 24.94 -29.64 -6.18
N LEU A 375 25.28 -28.96 -5.08
CA LEU A 375 24.84 -27.56 -4.87
C LEU A 375 25.48 -26.69 -5.96
N ASP A 376 26.77 -26.82 -6.22
CA ASP A 376 27.44 -25.96 -7.26
C ASP A 376 26.81 -26.22 -8.63
N GLY A 377 26.54 -27.49 -8.99
CA GLY A 377 25.89 -27.82 -10.26
C GLY A 377 24.56 -27.09 -10.35
N ASP A 378 23.83 -27.14 -9.25
CA ASP A 378 22.47 -26.58 -9.19
C ASP A 378 22.56 -25.05 -9.35
N VAL A 379 23.48 -24.40 -8.64
CA VAL A 379 23.71 -22.93 -8.71
C VAL A 379 24.01 -22.53 -10.16
N GLN A 380 24.83 -23.32 -10.85
CA GLN A 380 25.14 -23.06 -12.27
C GLN A 380 23.86 -23.15 -13.12
N ASN A 381 22.99 -24.13 -12.87
CA ASN A 381 21.73 -24.24 -13.64
C ASN A 381 20.90 -22.98 -13.37
N LEU A 382 20.84 -22.58 -12.10
CA LEU A 382 20.11 -21.35 -11.71
C LEU A 382 20.74 -20.16 -12.41
N LYS A 383 22.06 -20.05 -12.43
CA LYS A 383 22.80 -18.93 -13.08
C LYS A 383 22.38 -18.83 -14.55
N GLU A 384 22.32 -19.97 -15.24
CA GLU A 384 21.95 -19.96 -16.68
C GLU A 384 20.51 -19.46 -16.79
N PHE A 385 19.61 -19.83 -15.88
CA PHE A 385 18.20 -19.38 -15.94
C PHE A 385 18.20 -17.87 -15.68
N THR A 386 19.02 -17.39 -14.73
CA THR A 386 19.13 -15.95 -14.42
C THR A 386 19.65 -15.17 -15.62
N ASP A 387 20.58 -15.72 -16.42
CA ASP A 387 21.12 -14.96 -17.56
C ASP A 387 19.99 -14.82 -18.59
N TYR A 388 19.27 -15.92 -18.87
CA TYR A 388 18.13 -15.85 -19.81
C TYR A 388 17.11 -14.84 -19.30
N ALA A 389 16.69 -14.94 -18.05
CA ALA A 389 15.71 -13.96 -17.51
C ALA A 389 16.21 -12.51 -17.68
N GLN A 390 17.48 -12.22 -17.33
CA GLN A 390 18.05 -10.84 -17.44
C GLN A 390 18.13 -10.37 -18.90
N ALA A 391 18.44 -11.26 -19.85
CA ALA A 391 18.40 -10.98 -21.31
C ALA A 391 17.02 -10.43 -21.70
N ASN A 392 16.01 -10.82 -20.94
CA ASN A 392 14.57 -10.57 -21.23
C ASN A 392 14.03 -9.47 -20.30
N GLY A 393 14.88 -8.83 -19.51
CA GLY A 393 14.51 -7.70 -18.63
C GLY A 393 13.84 -8.14 -17.34
N VAL A 394 14.05 -9.38 -16.92
CA VAL A 394 13.35 -9.99 -15.76
C VAL A 394 14.41 -10.35 -14.71
N GLU A 395 14.21 -10.05 -13.42
CA GLU A 395 15.16 -10.45 -12.34
C GLU A 395 14.69 -11.74 -11.75
N VAL A 396 15.60 -12.49 -11.12
CA VAL A 396 15.27 -13.78 -10.45
C VAL A 396 15.26 -13.59 -8.94
N GLY A 397 14.27 -14.19 -8.29
CA GLY A 397 14.20 -14.38 -6.83
C GLY A 397 14.21 -15.84 -6.47
N LEU A 398 14.43 -16.12 -5.20
CA LEU A 398 14.21 -17.48 -4.67
C LEU A 398 13.25 -17.44 -3.49
N TRP A 399 12.37 -18.42 -3.49
CA TRP A 399 11.64 -18.93 -2.31
C TRP A 399 12.54 -19.79 -1.43
N THR A 400 12.32 -19.76 -0.11
N THR A 400 12.35 -19.69 -0.11
CA THR A 400 13.15 -20.51 0.87
CA THR A 400 13.07 -20.53 0.85
C THR A 400 12.24 -21.05 1.98
C THR A 400 12.08 -21.08 1.88
N GLN A 401 12.19 -22.38 2.13
CA GLN A 401 11.38 -23.10 3.15
C GLN A 401 12.31 -23.45 4.31
N SER A 402 13.53 -22.93 4.34
CA SER A 402 14.63 -23.41 5.22
C SER A 402 15.69 -22.33 5.48
N ASN A 403 16.65 -22.64 6.35
CA ASN A 403 17.87 -21.81 6.57
C ASN A 403 18.63 -21.60 5.24
N LEU A 404 19.35 -20.52 5.08
CA LEU A 404 19.92 -20.17 3.75
C LEU A 404 21.41 -20.56 3.61
N HIS A 405 21.95 -21.39 4.50
CA HIS A 405 23.42 -21.65 4.57
C HIS A 405 23.64 -23.15 4.70
N PRO A 406 24.67 -23.71 4.04
CA PRO A 406 25.02 -25.10 4.29
C PRO A 406 25.44 -25.35 5.75
N ALA A 407 25.28 -26.57 6.23
CA ALA A 407 25.96 -27.06 7.46
C ALA A 407 27.42 -26.62 7.38
N ASP A 408 28.18 -27.12 6.40
CA ASP A 408 29.57 -26.66 6.13
C ASP A 408 29.62 -25.77 4.89
N PRO A 409 29.64 -24.42 4.96
CA PRO A 409 29.65 -23.58 3.74
C PRO A 409 30.74 -23.96 2.71
N LYS A 410 31.95 -24.30 3.16
CA LYS A 410 33.09 -24.67 2.26
C LYS A 410 32.86 -26.07 1.64
N ASN A 411 31.92 -26.89 2.16
CA ASN A 411 31.61 -28.26 1.63
C ASN A 411 30.12 -28.58 1.69
N PRO A 412 29.33 -28.01 0.79
CA PRO A 412 27.88 -28.24 0.81
C PRO A 412 27.37 -29.61 0.30
N LYS A 413 26.11 -29.94 0.61
CA LYS A 413 25.45 -31.16 0.08
C LYS A 413 24.44 -30.71 -0.96
N LYS A 414 24.20 -31.56 -1.96
CA LYS A 414 23.07 -31.52 -2.92
C LYS A 414 21.79 -31.23 -2.13
N GLY A 415 21.02 -30.21 -2.48
CA GLY A 415 19.73 -30.02 -1.79
C GLY A 415 19.84 -29.15 -0.56
N GLU A 416 21.05 -28.72 -0.17
CA GLU A 416 21.17 -27.60 0.79
C GLU A 416 20.95 -26.28 0.03
N ARG A 417 20.87 -25.21 0.81
CA ARG A 417 20.75 -23.82 0.31
C ARG A 417 22.06 -23.09 0.59
N ASP A 418 22.41 -22.09 -0.23
CA ASP A 418 23.57 -21.19 -0.03
C ASP A 418 23.26 -19.88 -0.72
N ILE A 419 22.62 -19.00 0.05
CA ILE A 419 22.14 -17.68 -0.44
C ILE A 419 23.35 -16.83 -0.89
N ALA A 420 24.55 -17.03 -0.34
CA ALA A 420 25.76 -16.24 -0.70
C ALA A 420 26.13 -16.55 -2.14
N LYS A 421 26.15 -17.85 -2.47
CA LYS A 421 26.36 -18.36 -3.86
C LYS A 421 25.16 -18.05 -4.75
N GLU A 422 23.96 -18.28 -4.26
CA GLU A 422 22.74 -17.95 -5.09
C GLU A 422 22.81 -16.51 -5.54
N VAL A 423 23.24 -15.63 -4.64
CA VAL A 423 23.40 -14.18 -4.91
C VAL A 423 24.62 -13.90 -5.80
N SER A 424 25.83 -14.31 -5.40
CA SER A 424 27.04 -13.79 -6.09
C SER A 424 27.38 -14.67 -7.32
N VAL A 425 27.00 -15.94 -7.36
CA VAL A 425 27.29 -16.77 -8.58
C VAL A 425 26.08 -16.65 -9.51
N ALA A 426 24.90 -16.88 -9.00
CA ALA A 426 23.72 -17.03 -9.88
C ALA A 426 23.04 -15.67 -10.09
N GLY A 427 23.36 -14.58 -9.36
CA GLY A 427 22.76 -13.25 -9.68
C GLY A 427 21.32 -13.08 -9.18
N VAL A 428 20.92 -13.82 -8.15
CA VAL A 428 19.55 -13.68 -7.60
C VAL A 428 19.47 -12.37 -6.83
N LYS A 429 18.37 -11.64 -6.92
CA LYS A 429 18.21 -10.32 -6.27
C LYS A 429 17.01 -10.29 -5.31
N ALA A 430 16.13 -11.30 -5.31
CA ALA A 430 14.91 -11.29 -4.46
C ALA A 430 14.73 -12.61 -3.71
N LEU A 431 13.97 -12.49 -2.62
CA LEU A 431 13.71 -13.60 -1.67
C LEU A 431 12.26 -13.55 -1.22
N LYS A 432 11.65 -14.74 -1.12
CA LYS A 432 10.34 -14.92 -0.50
C LYS A 432 10.52 -15.90 0.68
N THR A 433 10.00 -15.54 1.87
CA THR A 433 10.10 -16.40 3.08
C THR A 433 8.82 -17.26 3.21
N ASP A 434 8.92 -18.53 2.92
CA ASP A 434 7.80 -19.50 3.08
C ASP A 434 7.45 -19.61 4.58
N VAL A 435 6.20 -19.92 4.90
CA VAL A 435 5.79 -20.12 6.32
C VAL A 435 6.62 -21.21 6.99
N ALA A 436 7.14 -22.18 6.26
CA ALA A 436 7.89 -23.34 6.82
C ALA A 436 9.19 -22.82 7.42
N TRP A 437 9.69 -21.68 6.96
CA TRP A 437 10.90 -21.01 7.47
C TRP A 437 10.56 -20.11 8.67
N VAL A 438 9.68 -19.14 8.47
CA VAL A 438 9.42 -18.04 9.46
C VAL A 438 8.21 -18.31 10.37
N GLY A 439 7.56 -19.48 10.30
CA GLY A 439 6.20 -19.71 10.86
C GLY A 439 6.15 -19.73 12.37
N TYR A 440 7.30 -19.82 13.06
CA TYR A 440 7.31 -19.75 14.56
C TYR A 440 7.04 -18.31 14.99
N GLY A 441 7.20 -17.33 14.07
CA GLY A 441 6.77 -15.96 14.34
C GLY A 441 7.79 -15.13 15.14
N TYR A 442 7.44 -13.90 15.45
CA TYR A 442 8.01 -13.05 16.54
C TYR A 442 9.49 -12.78 16.23
N SER A 443 10.46 -13.20 17.08
CA SER A 443 11.90 -12.98 16.79
C SER A 443 12.38 -13.81 15.55
N PHE A 444 11.80 -14.97 15.25
CA PHE A 444 12.33 -15.83 14.15
C PHE A 444 12.41 -15.01 12.86
N GLY A 445 11.28 -14.39 12.45
CA GLY A 445 11.15 -13.76 11.13
C GLY A 445 12.07 -12.58 11.00
N LEU A 446 12.12 -11.70 11.99
CA LEU A 446 12.97 -10.49 11.89
C LEU A 446 14.46 -10.90 11.81
N ASN A 447 14.86 -11.88 12.59
CA ASN A 447 16.27 -12.38 12.54
C ASN A 447 16.56 -12.90 11.13
N GLY A 448 15.63 -13.69 10.58
CA GLY A 448 15.81 -14.31 9.27
C GLY A 448 15.89 -13.25 8.18
N VAL A 449 14.98 -12.28 8.21
CA VAL A 449 14.90 -11.22 7.17
C VAL A 449 16.10 -10.28 7.34
N GLU A 450 16.45 -9.92 8.57
CA GLU A 450 17.64 -9.07 8.83
C GLU A 450 18.89 -9.73 8.25
N ASP A 451 19.07 -11.02 8.57
CA ASP A 451 20.17 -11.90 8.03
C ASP A 451 20.19 -11.87 6.48
N ALA A 452 19.05 -12.15 5.86
CA ALA A 452 18.99 -12.32 4.39
C ALA A 452 19.33 -10.97 3.75
N ALA A 453 18.68 -9.91 4.20
CA ALA A 453 18.93 -8.53 3.70
C ALA A 453 20.43 -8.22 3.79
N ASN A 454 21.05 -8.53 4.92
CA ASN A 454 22.48 -8.19 5.14
C ASN A 454 23.31 -8.96 4.10
N VAL A 455 22.94 -10.21 3.80
CA VAL A 455 23.66 -11.05 2.78
C VAL A 455 23.56 -10.45 1.39
N PHE A 456 22.37 -10.02 0.91
CA PHE A 456 22.22 -9.43 -0.43
C PHE A 456 23.20 -8.24 -0.58
N VAL A 457 23.22 -7.34 0.41
CA VAL A 457 24.02 -6.08 0.34
CA VAL A 457 24.02 -6.08 0.40
C VAL A 457 25.51 -6.42 0.45
N LYS A 458 25.93 -7.29 1.38
CA LYS A 458 27.40 -7.56 1.55
C LYS A 458 27.92 -8.26 0.26
N GLU A 459 27.26 -9.37 -0.13
CA GLU A 459 27.70 -10.21 -1.28
C GLU A 459 27.79 -9.38 -2.54
N THR A 460 26.95 -8.35 -2.70
CA THR A 460 26.94 -7.47 -3.91
C THR A 460 27.70 -6.14 -3.68
N ASP A 461 28.28 -5.89 -2.51
CA ASP A 461 28.86 -4.56 -2.13
C ASP A 461 27.84 -3.43 -2.38
N GLY A 462 26.56 -3.69 -2.10
CA GLY A 462 25.46 -2.70 -2.19
C GLY A 462 24.96 -2.49 -3.61
N ALA A 463 25.43 -3.23 -4.60
CA ALA A 463 24.90 -3.16 -5.99
C ALA A 463 23.45 -3.68 -5.99
N VAL A 464 23.07 -4.52 -5.02
CA VAL A 464 21.65 -4.97 -4.98
C VAL A 464 21.04 -4.57 -3.65
N ARG A 465 20.01 -3.71 -3.67
CA ARG A 465 19.23 -3.45 -2.43
C ARG A 465 18.32 -4.67 -2.17
N PRO A 466 17.90 -4.86 -0.91
CA PRO A 466 17.02 -5.97 -0.59
C PRO A 466 15.66 -5.87 -1.32
N MET A 467 15.14 -7.05 -1.69
CA MET A 467 13.77 -7.25 -2.21
C MET A 467 13.23 -8.56 -1.63
N ILE A 468 12.66 -8.44 -0.44
CA ILE A 468 12.21 -9.57 0.43
C ILE A 468 10.70 -9.41 0.61
N VAL A 469 9.96 -10.45 0.30
CA VAL A 469 8.53 -10.53 0.65
C VAL A 469 8.39 -11.64 1.71
N SER A 470 7.83 -11.26 2.83
CA SER A 470 7.69 -12.11 4.04
C SER A 470 6.29 -12.03 4.68
N LEU A 471 6.13 -12.68 5.83
CA LEU A 471 4.92 -12.51 6.65
C LEU A 471 5.30 -13.02 8.04
N ASP A 472 4.38 -13.18 8.95
CA ASP A 472 4.75 -13.58 10.35
C ASP A 472 5.77 -12.55 10.88
N GLY A 473 5.57 -11.28 10.52
CA GLY A 473 6.49 -10.21 10.90
C GLY A 473 6.32 -9.77 12.34
N TRP A 474 6.82 -8.59 12.63
CA TRP A 474 6.79 -7.93 13.97
C TRP A 474 7.15 -6.46 13.81
N ALA A 475 7.20 -5.71 14.90
CA ALA A 475 7.78 -4.34 14.89
C ALA A 475 9.18 -4.41 14.28
N GLY A 476 9.50 -3.56 13.28
CA GLY A 476 10.81 -3.52 12.63
C GLY A 476 10.85 -4.15 11.25
N THR A 477 9.89 -5.03 10.91
CA THR A 477 10.04 -5.92 9.74
C THR A 477 10.21 -5.02 8.51
N GLN A 478 9.47 -3.91 8.46
CA GLN A 478 9.37 -3.00 7.28
C GLN A 478 10.75 -2.51 6.88
N ARG A 479 11.73 -2.42 7.78
CA ARG A 479 13.08 -1.91 7.40
C ARG A 479 13.76 -2.90 6.42
N HIS A 480 13.30 -4.14 6.33
CA HIS A 480 13.96 -5.19 5.51
C HIS A 480 13.04 -5.75 4.42
N ALA A 481 11.74 -5.81 4.67
CA ALA A 481 10.87 -6.73 3.93
C ALA A 481 9.50 -6.10 3.77
N GLY A 482 8.83 -6.40 2.67
CA GLY A 482 7.38 -6.16 2.55
C GLY A 482 6.67 -7.45 2.93
N ILE A 483 5.34 -7.44 2.86
CA ILE A 483 4.57 -8.65 3.24
C ILE A 483 3.62 -9.00 2.10
N TRP A 484 3.32 -10.29 1.98
CA TRP A 484 2.14 -10.78 1.24
C TRP A 484 1.23 -11.51 2.24
N THR A 485 -0.04 -11.69 1.91
CA THR A 485 -1.12 -11.96 2.89
C THR A 485 -1.30 -13.45 3.05
N GLY A 486 -0.61 -14.25 2.23
CA GLY A 486 -0.57 -15.71 2.39
C GLY A 486 -1.48 -16.44 1.41
N ASP A 487 -2.04 -17.58 1.85
CA ASP A 487 -2.75 -18.52 0.96
C ASP A 487 -4.27 -18.29 1.09
N GLN A 488 -4.93 -17.86 0.04
CA GLN A 488 -6.42 -17.84 0.05
C GLN A 488 -6.95 -18.43 -1.26
N THR A 489 -8.27 -18.60 -1.38
CA THR A 489 -8.91 -19.09 -2.62
C THR A 489 -9.36 -17.88 -3.44
N GLY A 490 -8.92 -17.77 -4.70
CA GLY A 490 -9.42 -16.70 -5.58
C GLY A 490 -10.67 -17.14 -6.36
N GLY A 491 -10.93 -16.53 -7.49
CA GLY A 491 -12.16 -16.78 -8.27
C GLY A 491 -13.44 -16.69 -7.43
N GLN A 492 -13.42 -15.91 -6.35
CA GLN A 492 -14.51 -15.73 -5.35
C GLN A 492 -14.46 -14.25 -4.95
N TRP A 493 -15.57 -13.52 -4.92
CA TRP A 493 -15.54 -12.06 -4.64
C TRP A 493 -14.96 -11.73 -3.26
N GLU A 494 -15.17 -12.60 -2.25
CA GLU A 494 -14.56 -12.50 -0.91
C GLU A 494 -13.03 -12.28 -0.98
N TYR A 495 -12.34 -12.88 -1.95
CA TYR A 495 -10.88 -12.74 -2.17
C TYR A 495 -10.49 -11.26 -2.38
N ILE A 496 -11.39 -10.47 -2.94
CA ILE A 496 -11.12 -9.03 -3.20
C ILE A 496 -11.63 -8.26 -1.98
N ARG A 497 -12.90 -8.50 -1.61
CA ARG A 497 -13.58 -7.83 -0.46
C ARG A 497 -12.63 -7.77 0.74
N PHE A 498 -12.11 -8.89 1.26
CA PHE A 498 -11.36 -8.88 2.54
C PHE A 498 -9.99 -8.22 2.33
N HIS A 499 -9.43 -8.25 1.12
CA HIS A 499 -8.03 -7.83 0.84
C HIS A 499 -7.92 -6.32 0.91
N ILE A 500 -8.92 -5.55 0.47
CA ILE A 500 -8.81 -4.06 0.42
C ILE A 500 -8.55 -3.45 1.80
N PRO A 501 -9.37 -3.71 2.84
CA PRO A 501 -9.03 -3.28 4.19
C PRO A 501 -7.71 -3.89 4.72
N THR A 502 -7.43 -5.16 4.40
CA THR A 502 -6.13 -5.81 4.78
C THR A 502 -4.97 -4.89 4.39
N TYR A 503 -4.93 -4.46 3.12
CA TYR A 503 -3.90 -3.57 2.54
C TYR A 503 -3.88 -2.27 3.32
N ILE A 504 -5.05 -1.65 3.52
CA ILE A 504 -5.11 -0.33 4.18
C ILE A 504 -4.55 -0.45 5.60
N GLY A 505 -4.97 -1.43 6.39
CA GLY A 505 -4.45 -1.58 7.76
C GLY A 505 -2.96 -1.87 7.84
N THR A 506 -2.43 -2.73 6.97
CA THR A 506 -0.98 -3.07 6.93
C THR A 506 -0.15 -1.78 6.77
N SER A 507 -0.63 -0.90 5.89
CA SER A 507 -0.01 0.42 5.56
C SER A 507 -0.13 1.36 6.77
N LEU A 508 -1.27 1.34 7.45
CA LEU A 508 -1.46 2.16 8.70
C LEU A 508 -0.53 1.63 9.81
N SER A 509 -0.07 0.38 9.71
CA SER A 509 0.83 -0.21 10.72
C SER A 509 2.29 0.01 10.36
N GLY A 510 2.62 0.90 9.44
CA GLY A 510 4.04 1.19 9.13
C GLY A 510 4.67 0.12 8.25
N GLN A 511 3.85 -0.53 7.43
CA GLN A 511 4.32 -1.42 6.33
C GLN A 511 3.70 -0.98 5.02
N PRO A 512 4.36 -0.07 4.26
CA PRO A 512 3.87 0.34 2.94
C PRO A 512 4.03 -0.67 1.80
N ASN A 513 4.95 -1.61 1.97
CA ASN A 513 5.28 -2.62 0.93
C ASN A 513 4.35 -3.81 1.15
N VAL A 514 3.16 -3.78 0.56
CA VAL A 514 2.13 -4.83 0.80
C VAL A 514 1.71 -5.41 -0.55
N GLY A 515 1.40 -6.68 -0.56
CA GLY A 515 1.00 -7.36 -1.80
C GLY A 515 0.30 -8.64 -1.49
N SER A 516 0.05 -9.41 -2.52
CA SER A 516 -0.73 -10.66 -2.40
C SER A 516 -0.74 -11.38 -3.75
N ASP A 517 -1.28 -12.60 -3.70
CA ASP A 517 -1.45 -13.44 -4.90
C ASP A 517 -2.47 -12.80 -5.85
N MET A 518 -2.18 -12.84 -7.16
CA MET A 518 -3.11 -12.35 -8.20
C MET A 518 -4.18 -13.43 -8.32
N ASP A 519 -5.42 -13.13 -7.91
CA ASP A 519 -6.59 -14.06 -7.95
C ASP A 519 -6.29 -15.34 -7.17
N GLY A 520 -5.41 -15.27 -6.17
CA GLY A 520 -5.32 -16.35 -5.17
C GLY A 520 -4.41 -17.47 -5.64
N ILE A 521 -3.82 -18.16 -4.67
CA ILE A 521 -3.00 -19.38 -4.92
C ILE A 521 -3.94 -20.58 -5.18
N PHE A 522 -5.15 -20.59 -4.63
CA PHE A 522 -6.14 -21.69 -4.85
C PHE A 522 -7.31 -21.16 -5.67
N GLY A 523 -8.06 -22.03 -6.35
CA GLY A 523 -9.29 -21.65 -7.06
C GLY A 523 -8.96 -20.95 -8.35
N GLY A 524 -9.93 -20.22 -8.94
CA GLY A 524 -9.84 -19.70 -10.31
C GLY A 524 -11.19 -19.90 -10.97
N LYS A 525 -11.21 -19.93 -12.30
CA LYS A 525 -12.41 -20.31 -13.08
C LYS A 525 -13.47 -19.21 -12.99
N ASN A 526 -13.11 -18.02 -12.51
CA ASN A 526 -14.05 -16.86 -12.49
C ASN A 526 -13.36 -15.69 -13.17
N LYS A 527 -13.63 -15.53 -14.46
CA LYS A 527 -13.07 -14.48 -15.32
C LYS A 527 -13.28 -13.10 -14.67
N GLU A 528 -14.49 -12.86 -14.15
CA GLU A 528 -14.95 -11.53 -13.68
C GLU A 528 -14.10 -11.08 -12.49
N VAL A 529 -13.94 -11.97 -11.53
CA VAL A 529 -13.09 -11.81 -10.32
C VAL A 529 -11.65 -11.66 -10.78
N ASN A 530 -11.19 -12.45 -11.78
CA ASN A 530 -9.78 -12.38 -12.26
C ASN A 530 -9.52 -10.97 -12.80
N ILE A 531 -10.40 -10.47 -13.69
CA ILE A 531 -10.33 -9.09 -14.26
C ILE A 531 -10.33 -8.01 -13.15
N ARG A 532 -11.27 -8.09 -12.21
CA ARG A 532 -11.43 -7.10 -11.11
C ARG A 532 -10.20 -7.16 -10.19
N ASP A 533 -9.57 -8.32 -10.00
CA ASP A 533 -8.33 -8.40 -9.16
C ASP A 533 -7.17 -7.62 -9.81
N PHE A 534 -6.83 -7.85 -11.09
CA PHE A 534 -5.80 -7.11 -11.86
C PHE A 534 -6.11 -5.62 -11.80
N GLN A 535 -7.40 -5.29 -11.95
CA GLN A 535 -7.81 -3.88 -12.06
C GLN A 535 -7.32 -3.10 -10.84
N TRP A 536 -7.67 -3.52 -9.63
CA TRP A 536 -7.40 -2.64 -8.48
C TRP A 536 -5.94 -2.79 -8.05
N LYS A 537 -5.33 -3.94 -8.33
CA LYS A 537 -3.93 -4.20 -7.88
C LYS A 537 -2.95 -3.41 -8.74
N THR A 538 -3.39 -2.84 -9.87
CA THR A 538 -2.66 -1.79 -10.60
C THR A 538 -2.21 -0.71 -9.61
N PHE A 539 -3.07 -0.34 -8.65
CA PHE A 539 -2.83 0.78 -7.70
C PHE A 539 -2.44 0.21 -6.33
N THR A 540 -1.49 -0.72 -6.33
CA THR A 540 -0.94 -1.34 -5.12
C THR A 540 0.52 -1.71 -5.40
N PRO A 541 1.35 -1.89 -4.35
CA PRO A 541 2.77 -2.17 -4.56
C PRO A 541 3.14 -3.48 -5.26
N VAL A 542 2.77 -4.64 -4.70
CA VAL A 542 3.33 -5.97 -5.05
C VAL A 542 2.22 -6.91 -5.56
N GLN A 543 2.43 -7.48 -6.76
CA GLN A 543 1.50 -8.40 -7.45
C GLN A 543 2.26 -9.70 -7.73
N LEU A 544 1.83 -10.81 -7.12
CA LEU A 544 2.45 -12.15 -7.19
C LEU A 544 1.53 -13.12 -7.95
N ASN A 545 1.95 -13.56 -9.13
CA ASN A 545 1.29 -14.63 -9.90
C ASN A 545 1.83 -15.90 -9.30
N MET A 546 1.15 -16.41 -8.29
CA MET A 546 1.57 -17.55 -7.45
C MET A 546 0.96 -18.86 -8.02
N ASP A 547 1.71 -19.52 -8.92
CA ASP A 547 1.19 -20.48 -9.93
C ASP A 547 1.38 -21.91 -9.43
N GLY A 548 0.54 -22.84 -9.92
CA GLY A 548 0.76 -24.31 -9.76
C GLY A 548 -0.10 -25.00 -8.69
N TRP A 549 -0.93 -24.28 -7.96
CA TRP A 549 -1.82 -24.83 -6.89
C TRP A 549 -3.30 -24.58 -7.22
N GLY A 550 -3.58 -23.81 -8.28
CA GLY A 550 -4.92 -23.27 -8.55
C GLY A 550 -5.75 -24.15 -9.51
N SER A 551 -6.99 -23.73 -9.78
CA SER A 551 -7.95 -24.40 -10.70
C SER A 551 -7.55 -24.11 -12.15
N ASN A 552 -6.64 -23.17 -12.35
CA ASN A 552 -6.05 -22.82 -13.67
C ASN A 552 -4.67 -22.25 -13.39
N PRO A 553 -3.83 -22.08 -14.44
CA PRO A 553 -2.54 -21.43 -14.29
C PRO A 553 -2.81 -20.05 -13.74
N LYS A 554 -1.86 -19.49 -12.97
CA LYS A 554 -1.93 -18.13 -12.40
C LYS A 554 -1.06 -17.22 -13.26
N THR A 555 -1.69 -16.64 -14.26
CA THR A 555 -1.09 -15.64 -15.18
C THR A 555 -2.19 -14.64 -15.53
N PRO A 556 -1.79 -13.47 -16.03
CA PRO A 556 -2.73 -12.50 -16.58
C PRO A 556 -3.38 -12.92 -17.89
N PHE A 557 -2.96 -14.06 -18.47
CA PHE A 557 -3.44 -14.58 -19.79
C PHE A 557 -4.09 -15.95 -19.59
N ALA A 558 -4.64 -16.23 -18.41
CA ALA A 558 -5.20 -17.57 -18.07
C ALA A 558 -6.64 -17.71 -18.61
N PHE A 559 -7.29 -16.63 -19.02
CA PHE A 559 -8.74 -16.60 -19.42
C PHE A 559 -8.86 -16.34 -20.92
N ASP A 560 -9.95 -15.69 -21.37
CA ASP A 560 -10.23 -15.50 -22.81
C ASP A 560 -9.56 -14.19 -23.23
N GLN A 561 -9.57 -13.91 -24.53
CA GLN A 561 -8.87 -12.74 -25.06
C GLN A 561 -9.32 -11.52 -24.27
N GLU A 562 -10.62 -11.43 -23.95
CA GLU A 562 -11.19 -10.18 -23.36
C GLU A 562 -10.52 -9.93 -22.01
N ALA A 563 -10.46 -10.94 -21.16
CA ALA A 563 -9.81 -10.84 -19.82
C ALA A 563 -8.33 -10.50 -20.02
N THR A 564 -7.67 -11.13 -20.99
CA THR A 564 -6.20 -10.99 -21.22
C THR A 564 -5.93 -9.55 -21.66
N ASP A 565 -6.78 -8.98 -22.50
CA ASP A 565 -6.61 -7.60 -23.05
C ASP A 565 -6.88 -6.56 -21.97
N LEU A 566 -7.81 -6.80 -21.04
CA LEU A 566 -8.06 -5.87 -19.89
C LEU A 566 -6.90 -5.96 -18.87
N ASN A 567 -6.55 -7.18 -18.47
CA ASN A 567 -5.34 -7.44 -17.63
C ASN A 567 -4.15 -6.64 -18.14
N ARG A 568 -3.79 -6.75 -19.43
CA ARG A 568 -2.67 -6.02 -20.04
C ARG A 568 -2.88 -4.51 -19.90
N ALA A 569 -4.01 -3.94 -20.34
CA ALA A 569 -4.34 -2.52 -20.21
C ALA A 569 -3.99 -1.99 -18.82
N TYR A 570 -4.38 -2.70 -17.79
CA TYR A 570 -4.21 -2.28 -16.37
C TYR A 570 -2.75 -2.50 -15.92
N LEU A 571 -2.07 -3.50 -16.47
CA LEU A 571 -0.65 -3.73 -16.10
C LEU A 571 0.18 -2.63 -16.80
N LYS A 572 -0.17 -2.27 -18.04
CA LYS A 572 0.51 -1.18 -18.80
C LYS A 572 0.27 0.14 -18.07
N LEU A 573 -0.93 0.38 -17.56
CA LEU A 573 -1.22 1.64 -16.81
C LEU A 573 -0.26 1.75 -15.61
N LYS A 574 -0.05 0.64 -14.88
CA LYS A 574 0.90 0.61 -13.74
C LYS A 574 2.30 0.98 -14.24
N SER A 575 2.75 0.34 -15.31
CA SER A 575 4.07 0.60 -15.95
C SER A 575 4.15 2.08 -16.33
N MET A 576 3.09 2.66 -16.87
CA MET A 576 3.08 4.09 -17.28
C MET A 576 3.18 5.06 -16.08
N MET A 577 2.67 4.61 -14.92
CA MET A 577 2.52 5.36 -13.64
C MET A 577 3.79 5.20 -12.79
N MET A 578 4.82 4.53 -13.32
CA MET A 578 6.00 4.13 -12.52
C MET A 578 6.70 5.34 -11.92
N PRO A 579 6.84 6.51 -12.61
CA PRO A 579 7.33 7.71 -11.96
C PRO A 579 6.47 8.22 -10.79
N TYR A 580 5.15 8.12 -10.89
CA TYR A 580 4.25 8.54 -9.77
C TYR A 580 4.36 7.51 -8.65
N ASN A 581 4.30 6.25 -9.01
CA ASN A 581 4.43 5.10 -8.07
C ASN A 581 5.74 5.23 -7.28
N TYR A 582 6.90 5.42 -7.94
CA TYR A 582 8.24 5.49 -7.28
C TYR A 582 8.33 6.70 -6.34
N SER A 583 7.64 7.80 -6.68
CA SER A 583 7.71 9.04 -5.87
C SER A 583 6.95 8.87 -4.55
N ILE A 584 5.77 8.26 -4.58
CA ILE A 584 4.98 7.92 -3.35
C ILE A 584 5.67 6.78 -2.60
N ALA A 585 6.40 5.90 -3.25
CA ALA A 585 7.24 4.89 -2.54
C ALA A 585 8.32 5.62 -1.75
N LYS A 586 9.05 6.55 -2.38
CA LYS A 586 10.09 7.31 -1.65
C LYS A 586 9.42 8.00 -0.45
N GLU A 587 8.25 8.62 -0.63
CA GLU A 587 7.51 9.32 0.45
C GLU A 587 7.21 8.29 1.57
N SER A 588 6.91 7.03 1.22
CA SER A 588 6.56 5.97 2.20
C SER A 588 7.75 5.60 3.09
N VAL A 589 8.98 5.91 2.68
CA VAL A 589 10.20 5.54 3.46
C VAL A 589 10.24 6.44 4.69
N ASP A 590 9.51 7.56 4.69
CA ASP A 590 9.62 8.48 5.86
C ASP A 590 8.40 9.38 5.91
N GLY A 591 7.22 8.77 5.90
CA GLY A 591 5.94 9.46 5.75
C GLY A 591 4.80 8.51 5.45
N LEU A 592 3.74 9.09 4.88
CA LEU A 592 2.51 8.37 4.51
C LEU A 592 2.88 7.20 3.58
N PRO A 593 2.20 6.06 3.81
CA PRO A 593 2.37 4.87 2.98
C PRO A 593 1.67 5.15 1.65
N MET A 594 1.84 4.23 0.71
CA MET A 594 1.40 4.39 -0.69
C MET A 594 -0.10 4.12 -0.76
N VAL A 595 -0.54 3.02 -0.11
CA VAL A 595 -1.99 2.70 0.06
C VAL A 595 -2.43 3.53 1.28
N ARG A 596 -3.34 4.48 1.10
CA ARG A 596 -3.69 5.48 2.15
C ARG A 596 -5.16 5.35 2.54
N ALA A 597 -5.40 5.01 3.80
CA ALA A 597 -6.76 5.12 4.38
C ALA A 597 -7.28 6.53 4.07
N MET A 598 -8.58 6.65 3.86
CA MET A 598 -9.18 7.95 3.46
C MET A 598 -8.85 8.99 4.53
N ALA A 599 -8.70 8.55 5.78
CA ALA A 599 -8.45 9.41 6.96
C ALA A 599 -7.09 10.09 6.83
N LEU A 600 -6.14 9.49 6.09
CA LEU A 600 -4.75 10.00 5.98
C LEU A 600 -4.79 11.26 5.13
N GLU A 601 -5.73 11.36 4.18
CA GLU A 601 -5.74 12.46 3.16
C GLU A 601 -6.91 13.40 3.44
N PHE A 602 -7.86 13.01 4.29
CA PHE A 602 -9.05 13.81 4.69
C PHE A 602 -9.32 13.64 6.18
N PRO A 603 -8.40 14.10 7.05
CA PRO A 603 -8.50 13.82 8.47
C PRO A 603 -9.62 14.58 9.22
N ASN A 604 -10.34 15.49 8.56
CA ASN A 604 -11.39 16.31 9.19
C ASN A 604 -12.77 15.76 8.87
N GLU A 605 -12.86 14.62 8.18
CA GLU A 605 -14.16 14.04 7.81
C GLU A 605 -14.38 12.72 8.55
N GLY A 606 -15.48 12.62 9.30
CA GLY A 606 -15.82 11.43 10.11
C GLY A 606 -15.84 10.20 9.25
N THR A 607 -16.37 10.33 8.05
CA THR A 607 -16.56 9.22 7.11
C THR A 607 -15.21 8.54 6.80
N ALA A 608 -14.10 9.26 6.83
CA ALA A 608 -12.77 8.77 6.37
C ALA A 608 -12.18 7.76 7.36
N TYR A 609 -12.77 7.65 8.57
CA TYR A 609 -12.23 6.92 9.75
C TYR A 609 -12.96 5.61 9.99
N THR A 610 -14.15 5.41 9.41
CA THR A 610 -15.09 4.30 9.75
C THR A 610 -15.11 3.27 8.61
N LYS A 611 -15.94 2.24 8.75
CA LYS A 611 -16.15 1.17 7.73
C LYS A 611 -16.77 1.71 6.43
N ASP A 612 -17.27 2.95 6.40
CA ASP A 612 -17.68 3.55 5.10
C ASP A 612 -16.46 3.76 4.20
N SER A 613 -15.26 3.65 4.74
CA SER A 613 -13.99 3.84 4.00
C SER A 613 -13.23 2.50 3.89
N GLN A 614 -13.81 1.37 4.29
CA GLN A 614 -13.09 0.08 4.34
C GLN A 614 -12.83 -0.44 2.91
N TYR A 615 -13.67 -0.10 1.92
CA TYR A 615 -13.50 -0.67 0.55
C TYR A 615 -12.92 0.38 -0.43
N GLN A 616 -12.24 1.42 0.05
CA GLN A 616 -11.59 2.40 -0.87
C GLN A 616 -10.34 3.00 -0.22
N TYR A 617 -9.50 3.70 -1.01
CA TYR A 617 -8.27 4.36 -0.52
C TYR A 617 -7.76 5.34 -1.57
N MET A 618 -6.89 6.22 -1.15
CA MET A 618 -6.05 7.09 -1.99
C MET A 618 -4.78 6.30 -2.33
N TRP A 619 -4.51 6.08 -3.61
CA TRP A 619 -3.19 5.59 -4.06
C TRP A 619 -2.28 6.80 -4.18
N GLY A 620 -1.47 7.05 -3.15
CA GLY A 620 -0.77 8.33 -3.00
C GLY A 620 -1.82 9.47 -2.96
N PRO A 621 -1.40 10.75 -3.18
CA PRO A 621 -2.29 11.91 -2.94
C PRO A 621 -3.43 12.08 -3.94
N ASN A 622 -3.29 11.47 -5.11
CA ASN A 622 -3.91 11.99 -6.36
C ASN A 622 -5.05 11.11 -6.84
N LEU A 623 -5.09 9.83 -6.46
CA LEU A 623 -6.09 8.89 -7.00
C LEU A 623 -6.83 8.22 -5.84
N LEU A 624 -8.15 8.27 -5.94
CA LEU A 624 -9.14 7.56 -5.10
C LEU A 624 -9.51 6.28 -5.84
N VAL A 625 -9.20 5.11 -5.27
CA VAL A 625 -9.51 3.76 -5.85
C VAL A 625 -10.63 3.15 -5.03
N ALA A 626 -11.70 2.76 -5.70
CA ALA A 626 -12.92 2.19 -5.10
C ALA A 626 -13.22 0.89 -5.83
N PRO A 627 -12.45 -0.19 -5.58
CA PRO A 627 -12.54 -1.39 -6.39
C PRO A 627 -13.93 -2.05 -6.41
N ILE A 628 -14.26 -2.71 -7.51
CA ILE A 628 -15.43 -3.65 -7.53
C ILE A 628 -15.09 -4.87 -6.68
N TYR A 629 -15.95 -5.20 -5.73
CA TYR A 629 -15.65 -6.34 -4.81
C TYR A 629 -16.83 -7.30 -4.66
N ASN A 630 -17.89 -7.18 -5.48
CA ASN A 630 -19.01 -8.16 -5.45
C ASN A 630 -19.55 -8.36 -6.87
N GLY A 631 -20.40 -9.38 -7.05
CA GLY A 631 -20.91 -9.82 -8.35
C GLY A 631 -22.22 -9.14 -8.68
N ASN A 632 -22.67 -8.18 -7.86
CA ASN A 632 -23.92 -7.38 -8.08
C ASN A 632 -23.86 -6.72 -9.46
N GLN A 633 -24.87 -6.95 -10.29
CA GLN A 633 -24.95 -6.38 -11.66
C GLN A 633 -26.37 -5.87 -11.93
N ASP A 634 -26.52 -4.94 -12.86
CA ASP A 634 -27.84 -4.49 -13.37
C ASP A 634 -28.24 -5.49 -14.47
N GLU A 635 -29.27 -5.19 -15.27
CA GLU A 635 -29.77 -6.08 -16.36
C GLU A 635 -28.95 -5.84 -17.64
N ALA A 636 -28.19 -4.74 -17.72
CA ALA A 636 -27.22 -4.48 -18.81
C ALA A 636 -25.89 -5.21 -18.58
N GLY A 637 -25.68 -5.82 -17.41
CA GLY A 637 -24.49 -6.64 -17.09
C GLY A 637 -23.38 -5.87 -16.39
N ASN A 638 -23.49 -4.55 -16.25
CA ASN A 638 -22.53 -3.71 -15.47
C ASN A 638 -22.53 -4.15 -14.01
N SER A 639 -21.43 -3.94 -13.30
CA SER A 639 -21.41 -4.11 -11.81
C SER A 639 -22.08 -2.88 -11.18
N ILE A 640 -22.86 -3.07 -10.12
CA ILE A 640 -23.42 -1.96 -9.29
C ILE A 640 -22.45 -1.70 -8.12
N ARG A 641 -21.79 -0.55 -8.09
CA ARG A 641 -20.87 -0.13 -6.99
C ARG A 641 -21.58 0.85 -6.04
N ASP A 642 -21.96 0.34 -4.86
CA ASP A 642 -22.51 1.15 -3.75
C ASP A 642 -21.35 1.65 -2.88
N GLY A 643 -21.57 2.80 -2.24
CA GLY A 643 -20.72 3.29 -1.12
C GLY A 643 -19.46 3.93 -1.63
N ILE A 644 -19.50 4.60 -2.79
CA ILE A 644 -18.31 5.38 -3.26
C ILE A 644 -18.22 6.70 -2.51
N TYR A 645 -17.34 6.73 -1.52
CA TYR A 645 -17.15 7.92 -0.66
C TYR A 645 -16.25 8.91 -1.38
N LEU A 646 -16.83 10.04 -1.77
CA LEU A 646 -16.01 11.13 -2.36
C LEU A 646 -15.91 12.24 -1.32
N PRO A 647 -14.74 12.38 -0.68
CA PRO A 647 -14.58 13.35 0.39
C PRO A 647 -14.59 14.80 -0.11
N ASP A 648 -14.81 15.73 0.83
CA ASP A 648 -14.62 17.20 0.66
C ASP A 648 -15.73 17.82 -0.22
N GLU A 649 -16.66 18.56 0.41
CA GLU A 649 -17.80 19.18 -0.32
C GLU A 649 -17.30 20.22 -1.35
N LYS A 650 -16.06 20.71 -1.21
CA LYS A 650 -15.46 21.80 -2.02
C LYS A 650 -14.63 21.25 -3.18
N GLN A 651 -14.51 19.91 -3.31
CA GLN A 651 -13.53 19.26 -4.21
C GLN A 651 -14.24 18.58 -5.38
N VAL A 652 -13.75 18.84 -6.58
CA VAL A 652 -14.19 18.13 -7.81
C VAL A 652 -13.32 16.87 -7.94
N TRP A 653 -13.97 15.73 -8.20
CA TRP A 653 -13.35 14.43 -8.50
C TRP A 653 -13.59 14.08 -9.97
N VAL A 654 -12.54 13.61 -10.65
CA VAL A 654 -12.57 13.39 -12.13
C VAL A 654 -12.35 11.91 -12.41
N ASP A 655 -13.29 11.27 -13.08
CA ASP A 655 -13.18 9.85 -13.46
C ASP A 655 -11.92 9.70 -14.32
N LEU A 656 -11.00 8.82 -13.94
CA LEU A 656 -9.67 8.79 -14.58
C LEU A 656 -9.81 8.58 -16.10
N PHE A 657 -10.72 7.69 -16.48
CA PHE A 657 -10.83 7.09 -17.82
C PHE A 657 -11.71 8.00 -18.70
N THR A 658 -12.80 8.59 -18.15
CA THR A 658 -13.86 9.25 -18.95
C THR A 658 -13.82 10.77 -18.82
N GLY A 659 -13.30 11.33 -17.73
CA GLY A 659 -13.26 12.79 -17.51
C GLY A 659 -14.53 13.33 -16.83
N GLU A 660 -15.58 12.51 -16.67
CA GLU A 660 -16.86 12.84 -15.96
C GLU A 660 -16.56 13.37 -14.55
N LYS A 661 -17.06 14.56 -14.22
CA LYS A 661 -16.75 15.26 -12.95
C LYS A 661 -17.86 15.01 -11.91
N TYR A 662 -17.42 14.89 -10.67
CA TYR A 662 -18.29 14.58 -9.50
C TYR A 662 -17.90 15.49 -8.34
N GLN A 663 -18.90 15.99 -7.64
CA GLN A 663 -18.70 16.83 -6.42
C GLN A 663 -18.58 15.92 -5.20
N GLY A 664 -17.67 16.25 -4.28
CA GLY A 664 -17.44 15.47 -3.05
C GLY A 664 -18.42 15.87 -1.96
N GLY A 665 -18.21 15.38 -0.72
CA GLY A 665 -19.08 15.58 0.45
C GLY A 665 -20.23 14.59 0.42
N ARG A 666 -20.07 13.50 -0.32
CA ARG A 666 -21.18 12.57 -0.66
C ARG A 666 -20.61 11.16 -0.74
N VAL A 667 -21.45 10.19 -0.49
CA VAL A 667 -21.23 8.76 -0.84
C VAL A 667 -22.16 8.44 -2.02
N LEU A 668 -21.62 7.96 -3.12
CA LEU A 668 -22.42 7.60 -4.33
C LEU A 668 -22.82 6.13 -4.22
N ASN A 669 -24.12 5.87 -4.41
CA ASN A 669 -24.72 4.51 -4.53
C ASN A 669 -25.02 4.26 -6.02
N GLY A 670 -25.16 2.99 -6.42
CA GLY A 670 -25.61 2.57 -7.77
C GLY A 670 -24.75 3.11 -8.91
N VAL A 671 -23.42 3.20 -8.73
CA VAL A 671 -22.48 3.65 -9.82
C VAL A 671 -22.20 2.46 -10.76
N LYS A 672 -22.79 2.53 -11.96
CA LYS A 672 -22.77 1.51 -13.04
C LYS A 672 -21.35 1.36 -13.58
N THR A 673 -20.71 0.22 -13.27
CA THR A 673 -19.31 -0.04 -13.66
C THR A 673 -19.27 -1.25 -14.58
N PRO A 674 -18.95 -1.05 -15.86
CA PRO A 674 -18.81 -2.17 -16.77
C PRO A 674 -17.55 -3.01 -16.44
N LEU A 675 -17.39 -4.14 -17.10
CA LEU A 675 -16.30 -5.10 -16.79
C LEU A 675 -14.92 -4.44 -17.04
N TRP A 676 -14.79 -3.60 -18.06
CA TRP A 676 -13.51 -2.98 -18.49
C TRP A 676 -13.02 -1.97 -17.46
N LYS A 677 -13.91 -1.50 -16.59
CA LYS A 677 -13.70 -0.29 -15.74
C LYS A 677 -13.55 -0.68 -14.27
N VAL A 678 -12.70 0.05 -13.57
CA VAL A 678 -12.67 0.00 -12.09
C VAL A 678 -12.79 1.45 -11.66
N PRO A 679 -13.55 1.74 -10.59
CA PRO A 679 -13.81 3.14 -10.25
C PRO A 679 -12.54 3.79 -9.66
N VAL A 680 -11.98 4.75 -10.40
CA VAL A 680 -10.76 5.53 -10.06
C VAL A 680 -11.04 6.99 -10.40
N PHE A 681 -10.85 7.87 -9.42
CA PHE A 681 -11.17 9.32 -9.55
C PHE A 681 -9.88 10.06 -9.26
N VAL A 682 -9.55 11.04 -10.10
CA VAL A 682 -8.40 11.97 -9.91
C VAL A 682 -8.83 13.11 -8.97
N LYS A 683 -7.95 13.48 -8.03
CA LYS A 683 -8.15 14.69 -7.24
C LYS A 683 -7.81 15.91 -8.13
N ASP A 684 -8.81 16.68 -8.58
CA ASP A 684 -8.62 17.86 -9.50
C ASP A 684 -7.57 18.75 -8.85
N GLY A 685 -6.57 19.14 -9.63
CA GLY A 685 -5.31 19.73 -9.14
C GLY A 685 -4.14 18.76 -9.26
N SER A 686 -4.40 17.47 -9.48
CA SER A 686 -3.34 16.41 -9.49
C SER A 686 -2.29 16.66 -10.60
N ILE A 687 -1.02 16.50 -10.25
CA ILE A 687 0.09 16.31 -11.24
C ILE A 687 0.52 14.85 -11.16
N ILE A 688 0.51 14.10 -12.26
CA ILE A 688 0.90 12.65 -12.24
C ILE A 688 2.07 12.44 -13.22
N PRO A 689 3.31 12.32 -12.71
CA PRO A 689 4.42 11.88 -13.53
C PRO A 689 4.10 10.54 -14.21
N MET A 690 4.42 10.47 -15.49
CA MET A 690 4.13 9.27 -16.31
C MET A 690 5.36 8.92 -17.14
N THR A 691 5.35 7.70 -17.67
CA THR A 691 6.35 7.26 -18.65
C THR A 691 5.65 6.43 -19.71
N ASN A 692 6.42 6.15 -20.74
CA ASN A 692 6.02 5.31 -21.90
C ASN A 692 5.59 3.96 -21.31
N PRO A 693 4.68 3.24 -21.98
CA PRO A 693 4.31 1.91 -21.51
C PRO A 693 5.55 1.02 -21.63
N ASN A 694 5.68 0.03 -20.73
CA ASN A 694 6.93 -0.77 -20.63
C ASN A 694 6.61 -2.09 -19.90
N ASN A 695 7.44 -3.12 -20.07
CA ASN A 695 7.22 -4.48 -19.50
C ASN A 695 8.20 -4.77 -18.35
N ASN A 696 9.17 -3.89 -18.12
CA ASN A 696 10.17 -3.98 -17.04
C ASN A 696 10.87 -2.62 -16.97
N PRO A 697 11.57 -2.31 -15.87
CA PRO A 697 12.29 -1.03 -15.79
C PRO A 697 13.33 -0.68 -16.88
N LYS A 698 13.98 -1.65 -17.51
CA LYS A 698 15.01 -1.35 -18.53
C LYS A 698 14.36 -0.84 -19.83
N GLU A 699 13.04 -1.01 -20.01
CA GLU A 699 12.29 -0.50 -21.18
C GLU A 699 11.80 0.92 -20.93
N ILE A 700 11.97 1.47 -19.73
CA ILE A 700 11.59 2.89 -19.47
C ILE A 700 12.55 3.79 -20.25
N GLN A 701 12.00 4.76 -20.98
CA GLN A 701 12.82 5.78 -21.68
C GLN A 701 13.31 6.80 -20.64
N ARG A 702 14.57 6.70 -20.22
CA ARG A 702 15.19 7.59 -19.20
C ARG A 702 15.56 8.98 -19.75
N ASP A 703 15.40 9.20 -21.07
CA ASP A 703 15.66 10.50 -21.75
C ASP A 703 14.33 11.18 -22.11
N GLN A 704 13.23 10.75 -21.48
CA GLN A 704 11.90 11.40 -21.62
C GLN A 704 11.32 11.64 -20.22
N ARG A 705 10.38 12.56 -20.13
CA ARG A 705 9.61 12.76 -18.87
C ARG A 705 8.32 13.41 -19.28
N SER A 706 7.27 13.05 -18.56
CA SER A 706 5.88 13.28 -18.99
C SER A 706 5.04 13.53 -17.75
N PHE A 707 4.10 14.46 -17.82
CA PHE A 707 3.27 14.92 -16.68
C PHE A 707 1.81 15.03 -17.12
N LEU A 708 0.95 14.22 -16.50
CA LEU A 708 -0.51 14.28 -16.76
C LEU A 708 -1.09 15.20 -15.68
N ILE A 709 -1.74 16.30 -16.06
CA ILE A 709 -2.02 17.40 -15.10
C ILE A 709 -3.48 17.83 -15.26
N TYR A 710 -4.14 18.04 -14.11
CA TYR A 710 -5.55 18.42 -13.93
C TYR A 710 -5.54 19.74 -13.18
N PRO A 711 -5.16 20.85 -13.86
CA PRO A 711 -4.92 22.11 -13.15
C PRO A 711 -6.19 22.51 -12.39
N ASN A 712 -5.96 22.98 -11.17
CA ASN A 712 -6.99 23.45 -10.20
C ASN A 712 -6.28 24.25 -9.11
N GLY A 713 -6.28 25.59 -9.21
CA GLY A 713 -5.45 26.46 -8.35
C GLY A 713 -3.98 26.12 -8.45
N ALA A 714 -3.29 26.18 -7.31
CA ALA A 714 -1.82 26.03 -7.18
C ALA A 714 -1.54 24.66 -6.57
N THR A 715 -1.09 23.72 -7.41
CA THR A 715 -0.76 22.34 -6.97
C THR A 715 0.71 22.12 -7.30
N SER A 716 1.29 21.03 -6.77
CA SER A 716 2.76 20.79 -6.79
C SER A 716 3.02 19.28 -6.63
N PHE A 717 4.10 18.76 -7.22
CA PHE A 717 4.55 17.36 -7.03
C PHE A 717 6.07 17.27 -6.98
N ASN A 718 6.57 16.34 -6.15
CA ASN A 718 8.01 16.01 -6.02
C ASN A 718 8.26 14.64 -6.65
N MET A 719 8.83 14.63 -7.85
CA MET A 719 9.21 13.40 -8.57
C MET A 719 10.57 12.90 -8.06
N TYR A 720 10.57 11.71 -7.44
CA TYR A 720 11.80 11.06 -6.93
C TYR A 720 12.34 10.11 -8.00
N GLU A 721 13.64 9.87 -7.99
CA GLU A 721 14.30 8.88 -8.88
C GLU A 721 15.65 8.51 -8.28
N ASP A 722 16.12 7.33 -8.61
CA ASP A 722 17.49 6.87 -8.30
C ASP A 722 17.81 5.77 -9.31
N ASP A 723 18.87 5.03 -9.05
CA ASP A 723 19.38 3.99 -9.98
C ASP A 723 18.42 2.80 -10.00
N GLY A 724 17.38 2.76 -9.18
CA GLY A 724 16.33 1.72 -9.29
C GLY A 724 16.72 0.38 -8.63
N ILE A 725 17.96 0.17 -8.21
CA ILE A 725 18.40 -1.22 -7.84
C ILE A 725 19.44 -1.29 -6.71
N SER A 726 20.24 -0.26 -6.41
CA SER A 726 21.34 -0.39 -5.42
C SER A 726 20.91 0.12 -4.03
N THR A 727 21.80 0.08 -3.05
CA THR A 727 21.64 0.70 -1.70
C THR A 727 22.08 2.19 -1.72
N SER A 728 22.51 2.74 -2.86
CA SER A 728 23.20 4.06 -2.89
C SER A 728 22.21 5.20 -2.57
N TYR A 729 20.91 4.96 -2.70
CA TYR A 729 19.85 5.95 -2.33
C TYR A 729 20.01 6.25 -0.84
N GLU A 730 20.51 5.28 -0.06
CA GLU A 730 20.67 5.48 1.39
C GLU A 730 21.85 6.44 1.66
N ALA A 731 22.75 6.60 0.71
CA ALA A 731 23.99 7.40 0.84
C ALA A 731 23.92 8.63 -0.08
N GLY A 732 22.71 9.09 -0.41
CA GLY A 732 22.46 10.37 -1.10
C GLY A 732 22.36 10.28 -2.63
N GLN A 733 22.49 9.09 -3.22
CA GLN A 733 22.54 8.95 -4.70
C GLN A 733 21.09 8.81 -5.18
N SER A 734 20.47 9.97 -5.29
CA SER A 734 19.11 10.21 -5.84
C SER A 734 18.96 11.64 -6.32
N ALA A 735 17.88 11.89 -7.06
CA ALA A 735 17.50 13.21 -7.59
C ALA A 735 15.99 13.43 -7.39
N THR A 736 15.59 14.70 -7.28
CA THR A 736 14.20 15.13 -7.10
C THR A 736 13.95 16.26 -8.11
N THR A 737 12.77 16.28 -8.66
CA THR A 737 12.30 17.33 -9.58
C THR A 737 10.98 17.78 -9.01
N LYS A 738 10.86 19.09 -8.83
CA LYS A 738 9.65 19.71 -8.25
C LYS A 738 8.86 20.28 -9.42
N ILE A 739 7.58 19.92 -9.54
CA ILE A 739 6.68 20.45 -10.61
C ILE A 739 5.59 21.27 -9.93
N ASN A 740 5.17 22.40 -10.53
CA ASN A 740 4.14 23.31 -9.96
C ASN A 740 3.12 23.64 -11.05
N SER A 741 1.83 23.49 -10.76
CA SER A 741 0.70 23.93 -11.61
C SER A 741 0.03 25.12 -10.91
N GLN A 742 -0.08 26.27 -11.59
CA GLN A 742 -0.63 27.55 -11.07
C GLN A 742 -1.72 28.00 -12.04
N GLY A 743 -2.93 27.47 -11.86
CA GLY A 743 -3.99 27.65 -12.85
C GLY A 743 -5.27 28.16 -12.20
N PRO A 744 -6.33 28.34 -13.01
CA PRO A 744 -7.64 28.69 -12.51
C PRO A 744 -8.26 27.53 -11.72
N LYS A 745 -9.33 27.84 -11.02
CA LYS A 745 -10.19 26.89 -10.27
C LYS A 745 -10.84 25.89 -11.24
N SER A 746 -11.19 24.71 -10.73
CA SER A 746 -11.94 23.65 -11.47
C SER A 746 -13.03 24.32 -12.31
N ASN A 747 -13.06 23.98 -13.60
CA ASN A 747 -14.05 24.38 -14.64
C ASN A 747 -13.95 25.86 -15.00
N GLU A 748 -12.94 26.62 -14.55
CA GLU A 748 -12.85 28.08 -14.80
C GLU A 748 -11.71 28.46 -15.76
N LYS A 749 -11.90 29.60 -16.43
CA LYS A 749 -10.97 30.13 -17.45
C LYS A 749 -9.95 31.04 -16.78
N GLY A 750 -8.71 31.03 -17.26
CA GLY A 750 -7.64 31.90 -16.76
C GLY A 750 -6.29 31.54 -17.33
N ASP A 751 -5.25 32.18 -16.80
CA ASP A 751 -3.82 31.88 -17.01
C ASP A 751 -3.49 30.56 -16.30
N LEU A 752 -2.74 29.70 -16.99
CA LEU A 752 -2.05 28.50 -16.46
C LEU A 752 -0.55 28.67 -16.69
N THR A 753 0.23 28.56 -15.61
CA THR A 753 1.70 28.49 -15.62
C THR A 753 2.13 27.13 -15.03
N VAL A 754 2.70 26.26 -15.85
CA VAL A 754 3.29 24.98 -15.37
C VAL A 754 4.80 25.18 -15.29
N THR A 755 5.40 24.99 -14.11
CA THR A 755 6.86 25.12 -13.86
C THR A 755 7.47 23.76 -13.48
N ILE A 756 8.58 23.43 -14.12
CA ILE A 756 9.44 22.28 -13.72
C ILE A 756 10.77 22.89 -13.32
N GLU A 757 11.05 22.81 -12.02
CA GLU A 757 12.31 23.33 -11.41
C GLU A 757 13.46 22.40 -11.73
N PRO A 758 14.69 22.99 -11.77
CA PRO A 758 15.93 22.25 -12.00
C PRO A 758 16.01 20.99 -11.12
N THR A 759 16.30 19.85 -11.74
CA THR A 759 16.48 18.54 -11.06
C THR A 759 17.69 18.67 -10.12
N LYS A 760 17.55 18.30 -8.84
CA LYS A 760 18.65 18.31 -7.84
C LYS A 760 19.03 16.86 -7.51
N GLY A 761 20.34 16.60 -7.46
CA GLY A 761 20.95 15.32 -7.06
C GLY A 761 21.46 14.54 -8.26
N SER A 762 22.23 13.49 -8.00
CA SER A 762 22.82 12.61 -9.05
C SER A 762 22.93 11.17 -8.54
N TYR A 763 23.27 10.25 -9.42
CA TYR A 763 23.32 8.78 -9.17
C TYR A 763 23.92 8.10 -10.40
N LYS A 764 24.34 6.86 -10.23
CA LYS A 764 24.95 6.02 -11.31
C LYS A 764 24.00 6.01 -12.51
N ASP A 765 24.52 6.37 -13.69
CA ASP A 765 23.81 6.35 -14.99
C ASP A 765 22.66 7.38 -14.98
N PHE A 766 22.70 8.38 -14.11
CA PHE A 766 21.76 9.54 -14.21
C PHE A 766 21.82 10.09 -15.64
N VAL A 767 20.67 10.35 -16.27
CA VAL A 767 20.55 10.92 -17.64
C VAL A 767 20.12 12.37 -17.49
N ASP A 768 20.97 13.29 -17.96
CA ASP A 768 20.83 14.74 -17.69
C ASP A 768 19.91 15.31 -18.77
N GLU A 769 20.04 14.81 -20.00
CA GLU A 769 19.39 15.39 -21.21
C GLU A 769 18.07 14.67 -21.46
N ARG A 770 16.93 15.37 -21.34
CA ARG A 770 15.56 14.79 -21.56
C ARG A 770 14.65 15.76 -22.31
N SER A 771 13.80 15.19 -23.16
CA SER A 771 12.61 15.77 -23.81
C SER A 771 11.46 15.70 -22.82
N THR A 772 10.53 16.66 -22.88
CA THR A 772 9.46 16.88 -21.87
C THR A 772 8.09 16.88 -22.57
N THR A 773 7.15 16.06 -22.12
CA THR A 773 5.71 16.14 -22.47
C THR A 773 4.91 16.60 -21.26
N LEU A 774 3.94 17.50 -21.51
CA LEU A 774 2.80 17.81 -20.60
C LEU A 774 1.50 17.42 -21.29
N ASP A 775 0.68 16.63 -20.62
CA ASP A 775 -0.75 16.44 -21.01
C ASP A 775 -1.57 17.20 -19.95
N LEU A 776 -2.29 18.24 -20.41
CA LEU A 776 -3.14 19.17 -19.60
C LEU A 776 -4.60 19.03 -20.01
N LEU A 777 -5.39 18.37 -19.18
CA LEU A 777 -6.82 18.14 -19.42
C LEU A 777 -7.43 19.55 -19.58
N ALA A 778 -8.13 19.78 -20.68
CA ALA A 778 -8.69 21.11 -21.07
C ALA A 778 -9.91 20.86 -21.97
N SER A 779 -10.92 21.73 -21.92
CA SER A 779 -12.21 21.51 -22.64
C SER A 779 -12.25 22.35 -23.94
N GLU A 780 -11.43 23.41 -24.03
CA GLU A 780 -11.37 24.33 -25.21
C GLU A 780 -9.93 24.52 -25.68
N ALA A 781 -9.73 24.74 -26.98
CA ALA A 781 -8.43 25.17 -27.54
C ALA A 781 -8.00 26.44 -26.80
N PRO A 782 -6.70 26.63 -26.49
CA PRO A 782 -6.26 27.78 -25.72
C PRO A 782 -6.06 28.98 -26.65
N GLU A 783 -5.92 30.16 -26.07
CA GLU A 783 -5.67 31.43 -26.82
C GLU A 783 -4.20 31.42 -27.25
N SER A 784 -3.26 31.27 -26.31
CA SER A 784 -1.81 31.20 -26.60
C SER A 784 -1.08 30.25 -25.64
N VAL A 785 0.01 29.67 -26.13
CA VAL A 785 0.94 28.77 -25.38
C VAL A 785 2.35 29.20 -25.74
N THR A 786 3.11 29.68 -24.74
CA THR A 786 4.53 30.09 -24.84
C THR A 786 5.35 29.19 -23.90
N ALA A 787 6.68 29.28 -23.93
CA ALA A 787 7.59 28.53 -23.02
C ALA A 787 8.91 29.26 -22.81
N MET A 788 9.42 29.25 -21.57
CA MET A 788 10.82 29.57 -21.19
C MET A 788 11.52 28.28 -20.74
N VAL A 789 12.76 28.08 -21.22
CA VAL A 789 13.72 27.00 -20.80
C VAL A 789 15.00 27.67 -20.32
N GLY A 790 15.25 27.61 -19.01
CA GLY A 790 16.43 28.24 -18.37
C GLY A 790 16.52 29.74 -18.61
N GLY A 791 15.38 30.42 -18.78
CA GLY A 791 15.30 31.90 -18.84
C GLY A 791 15.37 32.45 -20.26
N THR A 792 15.09 31.62 -21.27
CA THR A 792 15.15 31.94 -22.73
C THR A 792 13.94 31.31 -23.41
N GLU A 793 13.24 32.07 -24.26
CA GLU A 793 12.00 31.61 -24.90
C GLU A 793 12.33 30.52 -25.91
N VAL A 794 11.39 29.58 -26.05
CA VAL A 794 11.40 28.45 -26.99
C VAL A 794 10.11 28.53 -27.81
N THR A 795 10.24 28.86 -29.09
CA THR A 795 9.11 29.04 -30.02
C THR A 795 8.35 27.73 -30.17
N LEU A 796 7.07 27.75 -29.80
CA LEU A 796 6.12 26.62 -29.96
C LEU A 796 5.23 26.86 -31.18
N LYS A 797 5.19 25.90 -32.11
CA LYS A 797 4.25 25.90 -33.25
C LYS A 797 3.00 25.09 -32.83
N GLN A 798 1.84 25.45 -33.38
CA GLN A 798 0.58 24.69 -33.16
C GLN A 798 0.53 23.55 -34.18
N ALA A 799 0.36 22.31 -33.72
CA ALA A 799 0.19 21.12 -34.57
C ALA A 799 -1.19 21.18 -35.24
N ALA A 800 -1.26 20.75 -36.51
CA ALA A 800 -2.50 20.70 -37.31
C ALA A 800 -3.22 19.38 -37.04
N ASN A 801 -2.49 18.39 -36.50
CA ASN A 801 -3.02 17.02 -36.29
C ASN A 801 -2.13 16.22 -35.30
N LYS A 802 -2.66 15.09 -34.87
CA LYS A 802 -2.05 14.18 -33.86
C LYS A 802 -0.70 13.67 -34.40
N GLU A 803 -0.67 13.25 -35.67
CA GLU A 803 0.54 12.67 -36.34
C GLU A 803 1.67 13.71 -36.31
N GLU A 804 1.38 14.94 -36.72
CA GLU A 804 2.35 16.06 -36.74
C GLU A 804 2.85 16.32 -35.31
N PHE A 805 1.96 16.25 -34.33
CA PHE A 805 2.33 16.52 -32.91
C PHE A 805 3.26 15.40 -32.42
N LEU A 806 2.83 14.14 -32.57
CA LEU A 806 3.62 12.97 -32.10
C LEU A 806 4.92 12.80 -32.90
N ALA A 807 5.11 13.49 -34.04
CA ALA A 807 6.37 13.41 -34.84
C ALA A 807 7.34 14.56 -34.51
N GLY A 808 6.86 15.76 -34.20
CA GLY A 808 7.71 16.93 -33.91
C GLY A 808 7.95 17.10 -32.42
N THR A 809 8.71 18.13 -32.04
CA THR A 809 8.75 18.72 -30.67
C THR A 809 8.77 20.25 -30.81
N ASN A 810 9.02 20.99 -29.72
CA ASN A 810 8.70 22.43 -29.52
C ASN A 810 7.30 22.75 -30.08
N LEU A 811 6.30 21.88 -29.85
CA LEU A 811 4.90 22.01 -30.36
C LEU A 811 3.91 22.06 -29.18
N TYR A 812 2.67 22.50 -29.46
CA TYR A 812 1.45 22.22 -28.65
C TYR A 812 0.32 21.75 -29.58
N TYR A 813 -0.75 21.25 -28.97
CA TYR A 813 -1.84 20.59 -29.71
C TYR A 813 -3.03 20.37 -28.78
N PHE A 814 -4.19 20.88 -29.21
CA PHE A 814 -5.49 20.62 -28.55
C PHE A 814 -6.01 19.33 -29.17
N ASP A 815 -6.01 18.26 -28.38
CA ASP A 815 -6.35 16.88 -28.82
C ASP A 815 -7.70 16.51 -28.23
N LYS A 816 -8.74 16.41 -29.05
CA LYS A 816 -10.07 15.93 -28.62
C LYS A 816 -10.13 14.39 -28.58
N GLU A 817 -9.07 13.68 -29.02
CA GLU A 817 -9.00 12.20 -29.03
C GLU A 817 -7.87 11.70 -28.11
N PHE A 818 -7.61 12.42 -27.01
CA PHE A 818 -6.60 12.06 -26.00
C PHE A 818 -7.10 10.86 -25.18
N GLN A 819 -6.36 9.76 -25.31
CA GLN A 819 -6.61 8.43 -24.68
C GLN A 819 -5.54 8.23 -23.61
N VAL A 820 -5.93 8.26 -22.34
CA VAL A 820 -4.96 8.16 -21.20
C VAL A 820 -4.32 6.76 -21.26
N ASN A 821 -5.07 5.79 -21.74
CA ASN A 821 -4.65 4.38 -21.83
C ASN A 821 -5.16 3.78 -23.14
N GLN A 822 -4.40 3.90 -24.22
CA GLN A 822 -4.82 3.34 -25.53
C GLN A 822 -5.21 1.86 -25.41
N TYR A 823 -4.49 1.06 -24.60
CA TYR A 823 -4.75 -0.40 -24.43
C TYR A 823 -6.19 -0.60 -23.92
N LEU A 824 -6.64 0.28 -23.03
CA LEU A 824 -7.97 0.18 -22.41
C LEU A 824 -9.03 0.60 -23.43
N SER A 825 -8.78 1.63 -24.26
CA SER A 825 -9.72 2.04 -25.35
C SER A 825 -10.03 0.81 -26.18
N GLU A 826 -8.96 0.06 -26.49
CA GLU A 826 -9.00 -1.03 -27.47
C GLU A 826 -9.56 -2.29 -26.80
N ALA A 827 -9.28 -2.55 -25.52
CA ALA A 827 -9.85 -3.71 -24.79
C ALA A 827 -11.36 -3.54 -24.62
N SER A 828 -11.81 -2.37 -24.14
CA SER A 828 -13.21 -2.05 -23.74
C SER A 828 -14.13 -1.98 -24.96
N GLY A 829 -13.58 -1.54 -26.10
CA GLY A 829 -14.34 -1.24 -27.34
C GLY A 829 -14.95 0.15 -27.31
N GLU A 830 -14.54 0.99 -26.36
CA GLU A 830 -14.93 2.42 -26.24
C GLU A 830 -13.73 3.26 -26.69
N LYS A 831 -13.96 4.48 -27.15
CA LYS A 831 -12.85 5.39 -27.55
C LYS A 831 -12.20 5.92 -26.26
N LEU A 832 -13.02 6.26 -25.27
CA LEU A 832 -12.54 6.86 -23.98
C LEU A 832 -11.61 8.02 -24.28
N ASN A 833 -12.03 8.84 -25.25
CA ASN A 833 -11.38 10.12 -25.64
C ASN A 833 -11.71 11.18 -24.59
N GLN A 834 -10.68 11.92 -24.20
CA GLN A 834 -10.75 13.17 -23.42
C GLN A 834 -10.18 14.27 -24.31
N SER A 835 -10.43 15.52 -23.93
CA SER A 835 -9.78 16.72 -24.51
C SER A 835 -8.59 17.07 -23.63
N ALA A 836 -7.41 17.19 -24.22
CA ALA A 836 -6.17 17.62 -23.54
C ALA A 836 -5.47 18.68 -24.39
N LEU A 837 -4.78 19.63 -23.74
CA LEU A 837 -3.75 20.52 -24.35
C LEU A 837 -2.40 19.88 -24.05
N SER A 838 -1.74 19.35 -25.09
CA SER A 838 -0.47 18.59 -24.99
C SER A 838 0.67 19.48 -25.51
N VAL A 839 1.78 19.51 -24.77
CA VAL A 839 2.91 20.43 -24.99
C VAL A 839 4.18 19.58 -24.97
N LYS A 840 4.97 19.61 -26.06
CA LYS A 840 6.23 18.85 -26.24
C LYS A 840 7.40 19.84 -26.34
N LEU A 841 8.41 19.68 -25.49
CA LEU A 841 9.67 20.46 -25.54
C LEU A 841 10.80 19.54 -25.97
N ALA A 842 11.80 20.12 -26.63
CA ALA A 842 12.99 19.42 -27.15
C ALA A 842 13.80 18.95 -25.94
N LYS A 843 14.78 18.06 -26.15
CA LYS A 843 15.71 17.59 -25.09
C LYS A 843 16.38 18.82 -24.49
N GLN A 844 16.67 18.81 -23.19
CA GLN A 844 17.43 19.85 -22.45
C GLN A 844 18.14 19.20 -21.27
N SER A 845 19.13 19.89 -20.69
CA SER A 845 19.69 19.57 -19.35
C SER A 845 18.62 19.84 -18.28
N VAL A 846 18.17 18.79 -17.60
CA VAL A 846 17.11 18.95 -16.57
C VAL A 846 17.79 19.51 -15.31
N THR A 847 19.12 19.37 -15.18
CA THR A 847 19.88 19.85 -13.99
C THR A 847 20.23 21.34 -14.15
N ALA A 848 20.66 21.78 -15.33
CA ALA A 848 21.16 23.16 -15.49
C ALA A 848 20.03 24.12 -15.90
N LYS A 849 18.88 23.65 -16.44
CA LYS A 849 17.78 24.52 -16.94
C LYS A 849 16.36 24.05 -16.54
N ASP A 850 15.59 24.96 -15.91
CA ASP A 850 14.15 24.76 -15.58
C ASP A 850 13.29 24.74 -16.85
N VAL A 851 11.97 24.67 -16.66
CA VAL A 851 10.90 24.82 -17.69
C VAL A 851 9.79 25.67 -17.06
N GLN A 852 9.28 26.65 -17.80
CA GLN A 852 8.03 27.39 -17.50
C GLN A 852 7.21 27.53 -18.78
N ILE A 853 6.08 26.83 -18.82
CA ILE A 853 5.04 26.87 -19.88
C ILE A 853 3.94 27.83 -19.40
N THR A 854 3.46 28.75 -20.25
CA THR A 854 2.34 29.68 -19.92
C THR A 854 1.21 29.51 -20.93
N VAL A 855 0.00 29.26 -20.45
CA VAL A 855 -1.22 29.11 -21.31
C VAL A 855 -2.22 30.21 -20.93
N LYS A 856 -2.50 31.12 -21.85
CA LYS A 856 -3.62 32.10 -21.76
C LYS A 856 -4.90 31.45 -22.27
N GLY A 857 -6.01 31.74 -21.62
CA GLY A 857 -7.32 31.16 -21.96
C GLY A 857 -7.37 29.67 -21.63
N PHE A 858 -6.62 29.24 -20.63
CA PHE A 858 -6.72 27.85 -20.13
C PHE A 858 -8.06 27.66 -19.42
N ILE A 859 -8.84 26.66 -19.86
CA ILE A 859 -10.07 26.15 -19.18
C ILE A 859 -10.12 24.62 -19.29
N ASN A 860 -10.49 23.91 -18.21
CA ASN A 860 -10.96 22.48 -18.26
C ASN A 860 -12.35 22.37 -17.61
N LYS A 861 -13.43 22.53 -18.40
CA LYS A 861 -14.82 22.60 -17.92
C LYS A 861 -15.63 21.41 -18.46
N GLY A 862 -16.34 20.71 -17.56
CA GLY A 862 -17.53 19.88 -17.86
C GLY A 862 -18.57 20.00 -16.75
N THR A 863 -19.80 19.50 -16.94
CA THR A 863 -20.87 19.56 -15.92
C THR A 863 -20.46 18.72 -14.71
N VAL A 864 -20.52 19.28 -13.48
CA VAL A 864 -20.16 18.55 -12.24
C VAL A 864 -21.40 17.84 -11.69
N ASP A 865 -21.39 16.51 -11.61
CA ASP A 865 -22.51 15.74 -11.01
C ASP A 865 -22.58 16.06 -9.50
N GLY A 866 -23.76 16.48 -9.02
CA GLY A 866 -23.96 17.00 -7.66
C GLY A 866 -23.24 18.33 -7.43
N GLY A 867 -22.93 19.07 -8.52
CA GLY A 867 -22.29 20.39 -8.44
C GLY A 867 -23.17 21.45 -7.77
N ASN A 868 -24.51 21.32 -7.83
CA ASN A 868 -25.50 22.30 -7.31
C ASN A 868 -26.28 21.72 -6.12
N THR A 869 -25.89 22.01 -4.87
CA THR A 869 -26.56 21.56 -3.61
C THR A 869 -27.40 22.71 -3.03
N THR A 870 -27.73 23.73 -3.83
CA THR A 870 -28.52 24.91 -3.42
C THR A 870 -29.98 24.51 -3.41
N VAL A 871 -30.75 24.93 -2.39
CA VAL A 871 -32.19 24.61 -2.23
C VAL A 871 -32.92 25.16 -3.47
N ASP A 872 -33.78 24.30 -4.06
CA ASP A 872 -34.74 24.60 -5.14
C ASP A 872 -36.13 24.73 -4.49
N ASP A 873 -36.64 25.96 -4.33
CA ASP A 873 -38.01 26.27 -3.79
C ASP A 873 -39.08 25.44 -4.54
N GLN A 874 -38.96 25.30 -5.86
CA GLN A 874 -39.96 24.68 -6.78
C GLN A 874 -39.96 23.14 -6.64
N LEU A 875 -38.97 22.56 -5.95
CA LEU A 875 -38.85 21.09 -5.77
C LEU A 875 -39.49 20.68 -4.43
N THR A 876 -40.51 19.82 -4.49
CA THR A 876 -41.31 19.38 -3.32
C THR A 876 -40.44 18.46 -2.45
N ILE A 877 -40.43 18.71 -1.14
CA ILE A 877 -39.75 17.87 -0.10
C ILE A 877 -40.35 16.47 -0.16
N PRO A 878 -39.52 15.40 -0.15
CA PRO A 878 -40.01 14.05 -0.45
C PRO A 878 -41.14 13.65 0.51
N ALA A 879 -42.17 12.99 -0.02
CA ALA A 879 -43.41 12.62 0.72
C ALA A 879 -43.25 11.23 1.35
N ASN A 880 -43.44 11.14 2.68
CA ASN A 880 -43.50 9.88 3.48
C ASN A 880 -42.07 9.30 3.59
N LYS A 887 -38.89 -4.96 5.99
CA LYS A 887 -37.55 -5.37 5.44
C LYS A 887 -36.43 -5.22 6.50
N THR A 888 -36.68 -4.62 7.68
CA THR A 888 -35.71 -4.53 8.81
C THR A 888 -35.14 -5.92 9.11
N THR A 889 -33.83 -6.04 9.36
CA THR A 889 -33.16 -7.32 9.66
C THR A 889 -32.26 -7.10 10.88
N PRO A 890 -31.31 -8.01 11.22
CA PRO A 890 -30.42 -7.84 12.37
C PRO A 890 -29.69 -6.49 12.43
N SER A 891 -29.36 -5.93 11.26
CA SER A 891 -28.69 -4.61 11.11
C SER A 891 -28.65 -4.18 9.62
N SER A 892 -29.81 -4.14 8.94
CA SER A 892 -29.97 -3.57 7.58
C SER A 892 -31.33 -2.86 7.42
N LEU A 893 -31.41 -1.61 7.89
CA LEU A 893 -32.62 -0.73 7.78
C LEU A 893 -32.74 -0.27 6.33
N THR A 894 -33.94 -0.43 5.75
CA THR A 894 -34.35 0.09 4.41
C THR A 894 -35.38 1.22 4.62
N LEU A 895 -35.28 2.30 3.84
CA LEU A 895 -36.14 3.51 3.93
C LEU A 895 -36.82 3.75 2.57
N GLN A 896 -38.09 4.18 2.58
CA GLN A 896 -38.91 4.44 1.36
C GLN A 896 -39.54 5.84 1.44
N TRP A 897 -40.06 6.33 0.31
CA TRP A 897 -40.67 7.69 0.18
C TRP A 897 -41.38 7.82 -1.19
N ASP A 898 -42.17 8.87 -1.38
CA ASP A 898 -43.09 9.04 -2.53
C ASP A 898 -42.52 10.07 -3.52
N GLN A 899 -42.73 9.80 -4.81
CA GLN A 899 -41.87 10.21 -5.95
C GLN A 899 -42.20 11.64 -6.44
N VAL A 900 -41.28 12.58 -6.21
CA VAL A 900 -41.36 14.01 -6.65
C VAL A 900 -41.35 14.08 -8.19
N ALA A 903 -37.67 15.45 -9.60
CA ALA A 903 -36.58 14.66 -8.96
C ALA A 903 -36.00 13.65 -9.97
N THR A 904 -34.71 13.78 -10.29
CA THR A 904 -33.93 12.86 -11.16
C THR A 904 -33.08 11.93 -10.29
N SER A 905 -33.10 12.16 -8.97
CA SER A 905 -32.57 11.26 -7.90
C SER A 905 -32.92 11.86 -6.56
N TYR A 906 -32.58 11.15 -5.48
CA TYR A 906 -32.74 11.61 -4.08
C TYR A 906 -31.41 11.40 -3.35
N GLU A 907 -31.30 12.03 -2.19
CA GLU A 907 -30.14 11.94 -1.28
C GLU A 907 -30.63 11.67 0.14
N VAL A 908 -30.10 10.65 0.80
CA VAL A 908 -30.49 10.25 2.18
C VAL A 908 -29.29 10.47 3.09
N GLU A 909 -29.47 11.24 4.16
CA GLU A 909 -28.45 11.55 5.21
C GLU A 909 -28.60 10.50 6.32
N ARG A 910 -27.54 9.71 6.54
CA ARG A 910 -27.58 8.50 7.40
C ARG A 910 -26.63 8.78 8.56
N ASP A 911 -27.17 9.16 9.72
CA ASP A 911 -26.37 9.62 10.89
C ASP A 911 -25.41 10.72 10.44
N GLY A 912 -25.91 11.68 9.64
CA GLY A 912 -25.16 12.86 9.16
C GLY A 912 -24.15 12.57 8.06
N THR A 913 -24.34 11.50 7.26
CA THR A 913 -23.50 11.17 6.08
C THR A 913 -24.42 11.07 4.85
N VAL A 914 -24.13 11.86 3.81
CA VAL A 914 -25.03 12.07 2.64
C VAL A 914 -24.75 11.01 1.57
N PHE A 915 -25.67 10.08 1.41
CA PHE A 915 -25.71 9.05 0.34
C PHE A 915 -26.52 9.66 -0.80
N GLY A 916 -25.94 9.66 -2.01
CA GLY A 916 -26.49 10.22 -3.24
C GLY A 916 -26.61 9.19 -4.34
N ASN A 917 -26.92 9.66 -5.56
CA ASN A 917 -27.09 8.85 -6.82
C ASN A 917 -28.21 7.80 -6.62
N ILE A 918 -29.08 8.00 -5.63
CA ILE A 918 -30.23 7.11 -5.32
C ILE A 918 -31.29 7.31 -6.41
N GLN A 919 -31.25 6.49 -7.47
CA GLN A 919 -31.99 6.72 -8.74
C GLN A 919 -33.47 6.30 -8.61
N THR A 920 -33.94 5.88 -7.42
CA THR A 920 -35.36 5.50 -7.20
C THR A 920 -35.77 5.69 -5.71
N ASN A 921 -37.01 5.36 -5.36
CA ASN A 921 -37.63 5.82 -4.08
C ASN A 921 -37.47 4.77 -2.97
N THR A 922 -36.35 4.05 -2.92
CA THR A 922 -35.95 3.20 -1.77
C THR A 922 -34.42 3.14 -1.66
N ALA A 923 -33.88 2.91 -0.45
CA ALA A 923 -32.44 2.74 -0.14
C ALA A 923 -32.25 2.01 1.19
N THR A 924 -31.24 1.13 1.27
CA THR A 924 -30.94 0.21 2.41
C THR A 924 -29.56 0.51 2.99
N PHE A 925 -29.47 0.71 4.31
CA PHE A 925 -28.20 1.00 5.02
C PHE A 925 -27.94 -0.10 6.05
N ASP A 926 -26.77 -0.75 5.97
CA ASP A 926 -26.38 -1.97 6.73
C ASP A 926 -25.00 -1.77 7.38
N GLY A 927 -24.51 -2.80 8.07
CA GLY A 927 -23.21 -2.80 8.79
C GLY A 927 -23.30 -2.07 10.11
N PHE A 928 -24.45 -2.12 10.78
CA PHE A 928 -24.71 -1.53 12.14
C PHE A 928 -24.60 -2.61 13.23
N SER A 929 -24.72 -2.21 14.49
CA SER A 929 -24.84 -3.10 15.68
C SER A 929 -26.32 -3.36 16.00
N HIS A 934 -30.44 4.93 14.50
CA HIS A 934 -29.86 5.79 13.42
C HIS A 934 -30.94 6.74 12.88
N THR A 935 -30.54 7.80 12.17
CA THR A 935 -31.44 8.89 11.66
C THR A 935 -31.43 8.93 10.13
N PHE A 936 -32.54 9.36 9.54
CA PHE A 936 -32.80 9.24 8.08
C PHE A 936 -33.57 10.45 7.57
N ARG A 937 -32.87 11.58 7.41
CA ARG A 937 -33.39 12.71 6.61
C ARG A 937 -33.11 12.40 5.15
N VAL A 938 -34.09 12.65 4.27
CA VAL A 938 -33.94 12.57 2.80
C VAL A 938 -34.19 13.97 2.20
N ARG A 939 -33.79 14.14 0.93
CA ARG A 939 -34.25 15.26 0.05
C ARG A 939 -34.24 14.78 -1.42
N ALA A 940 -34.97 15.48 -2.29
CA ALA A 940 -35.04 15.19 -3.74
C ALA A 940 -33.98 16.02 -4.46
N VAL A 941 -33.69 15.63 -5.70
CA VAL A 941 -32.66 16.28 -6.56
C VAL A 941 -33.31 16.49 -7.92
N GLY A 942 -33.45 17.75 -8.34
CA GLY A 942 -33.97 18.16 -9.66
C GLY A 942 -32.84 18.70 -10.52
N LYS A 943 -33.14 19.28 -11.68
CA LYS A 943 -32.11 19.79 -12.64
C LYS A 943 -31.55 21.13 -12.14
N ASN A 944 -32.11 21.69 -11.06
CA ASN A 944 -31.73 23.03 -10.55
C ASN A 944 -31.54 22.95 -9.02
N GLY A 945 -30.84 21.93 -8.55
CA GLY A 945 -30.48 21.80 -7.13
C GLY A 945 -31.37 20.82 -6.42
N VAL A 946 -31.42 20.90 -5.09
CA VAL A 946 -32.04 19.86 -4.21
C VAL A 946 -33.25 20.50 -3.53
N SER A 947 -34.02 19.68 -2.80
CA SER A 947 -35.14 20.18 -1.96
C SER A 947 -34.62 20.39 -0.54
N GLU A 948 -35.41 21.05 0.30
CA GLU A 948 -35.12 21.14 1.74
C GLU A 948 -35.10 19.72 2.27
N TRP A 949 -34.20 19.43 3.20
CA TRP A 949 -34.20 18.17 3.98
C TRP A 949 -35.56 17.96 4.65
N SER A 950 -36.16 16.77 4.50
CA SER A 950 -37.30 16.28 5.32
C SER A 950 -36.87 16.21 6.79
N GLU A 951 -37.84 16.12 7.72
CA GLU A 951 -37.57 16.09 9.18
C GLU A 951 -36.94 14.76 9.59
N PRO A 952 -36.07 14.75 10.61
CA PRO A 952 -35.41 13.52 11.09
C PRO A 952 -36.36 12.38 11.50
N ILE A 953 -36.35 11.25 10.76
CA ILE A 953 -37.07 9.98 11.04
C ILE A 953 -36.08 9.03 11.75
N LYS A 954 -36.55 8.06 12.56
CA LYS A 954 -35.70 7.19 13.44
C LYS A 954 -35.83 5.71 13.06
C1 NGA B . 3.09 -22.08 0.70
C2 NGA B . 3.10 -20.56 0.52
C3 NGA B . 2.75 -20.24 -0.94
C4 NGA B . 3.80 -21.11 -1.73
C5 NGA B . 3.78 -22.59 -1.44
C6 NGA B . 4.81 -23.48 -2.23
C7 NGA B . 2.72 -19.50 2.68
C8 NGA B . 1.78 -18.80 3.65
N2 NGA B . 2.26 -19.85 1.46
O1 NGA B . 3.64 -22.40 1.91
O3 NGA B . 2.91 -18.83 -1.15
O4 NGA B . 5.14 -20.57 -1.53
O5 NGA B . 4.00 -22.82 -0.11
O6 NGA B . 4.60 -23.29 -3.65
O7 NGA B . 3.88 -19.74 3.04
C1 EDO C . 10.75 5.35 -11.65
O1 EDO C . 11.68 6.43 -11.46
C2 EDO C . 10.63 4.91 -13.06
O2 EDO C . 9.93 5.82 -13.92
C1 EDO D . 12.33 -4.74 0.25
O1 EDO D . 12.96 -5.91 0.80
C2 EDO D . 10.87 -4.65 0.57
O2 EDO D . 10.10 -5.67 -0.06
C1 EDO E . 2.47 3.04 33.92
O1 EDO E . 1.88 4.08 34.66
C2 EDO E . 3.04 3.49 32.61
O2 EDO E . 2.10 4.10 31.75
C1 EDO F . 0.13 -21.89 -19.52
O1 EDO F . 0.61 -21.75 -18.21
C2 EDO F . 0.77 -23.05 -20.18
O2 EDO F . 0.44 -23.19 -21.56
C1 EDO G . -3.42 12.24 15.24
O1 EDO G . -2.22 12.97 15.23
C2 EDO G . -3.74 11.74 13.91
O2 EDO G . -5.04 11.19 13.82
CA CA H . 6.05 -27.45 -11.72
#